data_7S3V
#
_entry.id   7S3V
#
_cell.length_a   140.890
_cell.length_b   140.890
_cell.length_c   286.371
_cell.angle_alpha   90.000
_cell.angle_beta   90.000
_cell.angle_gamma   90.000
#
_symmetry.space_group_name_H-M   'I 41 2 2'
#
_entity_poly.entity_id   1
_entity_poly.type   'polypeptide(L)'
_entity_poly.pdbx_seq_one_letter_code
;MEPSSLELPADTVQRIAAELKCHPTDERVALHLDEEDKLRHFRE(CSX)FYIPKIQDLPPVDLSLVNKDEDAIYFNGNSL
GLQPKMVKTYLEEELDKWAKIAIYGWFEGDSPWIHYDESIVGLMKDIVGANEKEIVLMNTLTVNLHLLMLSFFKPTPKRY
KILLEAKAFPSDHYAIESQLQLHGLNIEESMRIIKPREGEETLRIEDILEVIEKEGDSIAVILFSGIHYYTGQHFNIPAI
TKAGQAKGCYVGFDLAHAVGNVELYLHDWGVDFACWCGY(LLP)YLNSSPGGIAGAFIHEKHAHTIKPALVGWFGHELST
RFKMDNKLQLIPGVCGFRCSTPPILLVCILHASLEIFKQATMKALRKKSVLLTGYLEYLIKHNYGKDKAATKKPVVNIIT
PSHVEERGCQLTLTFNVPNKDVFQELEKRGVVCDKRNPNGIRVAPVPLYNSFHDVYKFTNLLTSILDSAETKN
;
_entity_poly.pdbx_strand_id   A,B
#
# COMPACT_ATOMS: atom_id res chain seq x y z
N LEU A 6 -20.49 20.31 12.46
CA LEU A 6 -20.79 18.99 11.91
C LEU A 6 -21.31 18.04 12.99
N GLU A 7 -21.55 16.80 12.61
CA GLU A 7 -22.27 15.84 13.44
C GLU A 7 -21.38 15.32 14.56
N LEU A 8 -21.87 15.43 15.82
CA LEU A 8 -21.16 14.86 16.93
C LEU A 8 -21.38 13.33 16.98
N PRO A 9 -20.40 12.58 17.49
CA PRO A 9 -20.46 11.11 17.39
C PRO A 9 -21.74 10.49 17.95
N ALA A 10 -22.20 10.95 19.11
CA ALA A 10 -23.44 10.43 19.67
C ALA A 10 -24.62 10.72 18.76
N ASP A 11 -24.64 11.90 18.16
CA ASP A 11 -25.67 12.22 17.17
C ASP A 11 -25.64 11.25 16.00
N THR A 12 -24.44 10.80 15.61
CA THR A 12 -24.30 9.93 14.44
C THR A 12 -24.92 8.56 14.69
N VAL A 13 -24.82 8.05 15.92
CA VAL A 13 -25.31 6.70 16.20
C VAL A 13 -26.83 6.64 16.15
N GLN A 14 -27.49 7.56 16.88
CA GLN A 14 -28.95 7.55 16.91
C GLN A 14 -29.55 7.85 15.55
N ARG A 15 -28.80 8.54 14.68
CA ARG A 15 -29.25 8.75 13.31
C ARG A 15 -29.20 7.45 12.51
N ILE A 16 -28.13 6.67 12.67
CA ILE A 16 -28.04 5.36 12.01
C ILE A 16 -29.20 4.48 12.46
N ALA A 17 -29.47 4.45 13.77
CA ALA A 17 -30.60 3.69 14.28
C ALA A 17 -31.91 4.16 13.66
N ALA A 18 -32.04 5.47 13.45
CA ALA A 18 -33.25 5.99 12.80
C ALA A 18 -33.37 5.49 11.37
N GLU A 19 -32.25 5.39 10.65
CA GLU A 19 -32.28 4.85 9.29
C GLU A 19 -32.66 3.38 9.27
N LEU A 20 -32.26 2.62 10.27
CA LEU A 20 -32.54 1.19 10.33
C LEU A 20 -33.77 0.87 11.18
N LYS A 21 -34.37 1.88 11.80
CA LYS A 21 -35.54 1.71 12.67
C LYS A 21 -35.27 0.67 13.76
N CYS A 22 -34.09 0.81 14.39
CA CYS A 22 -33.68 -0.08 15.46
C CYS A 22 -33.20 0.75 16.65
N HIS A 23 -32.90 0.07 17.74
CA HIS A 23 -32.44 0.76 18.94
C HIS A 23 -30.98 1.19 18.75
N PRO A 24 -30.58 2.33 19.33
CA PRO A 24 -29.18 2.75 19.21
C PRO A 24 -28.17 1.70 19.69
N THR A 25 -28.55 0.86 20.65
CA THR A 25 -27.64 -0.14 21.21
C THR A 25 -27.81 -1.50 20.53
N ASP A 26 -28.48 -1.56 19.39
CA ASP A 26 -28.62 -2.82 18.68
C ASP A 26 -27.33 -3.14 17.94
N GLU A 27 -27.08 -4.45 17.76
CA GLU A 27 -25.88 -4.87 17.05
C GLU A 27 -25.85 -4.34 15.62
N ARG A 28 -27.02 -4.23 14.98
CA ARG A 28 -27.12 -3.75 13.61
C ARG A 28 -26.48 -2.38 13.41
N VAL A 29 -26.39 -1.57 14.45
CA VAL A 29 -25.75 -0.26 14.33
C VAL A 29 -24.25 -0.42 14.15
N ALA A 30 -23.64 -1.29 14.96
CA ALA A 30 -22.20 -1.53 14.85
C ALA A 30 -21.87 -2.20 13.51
N LEU A 31 -22.64 -3.21 13.14
CA LEU A 31 -22.40 -3.90 11.87
C LEU A 31 -22.53 -2.96 10.69
N HIS A 32 -23.35 -1.92 10.81
CA HIS A 32 -23.51 -0.97 9.72
C HIS A 32 -22.37 0.04 9.68
N LEU A 33 -21.84 0.44 10.84
CA LEU A 33 -20.71 1.36 10.87
C LEU A 33 -19.46 0.72 10.29
N ASP A 34 -19.36 -0.61 10.35
CA ASP A 34 -18.22 -1.31 9.75
C ASP A 34 -18.41 -1.49 8.24
N GLU A 35 -19.64 -1.77 7.81
CA GLU A 35 -19.93 -1.82 6.38
C GLU A 35 -19.51 -0.53 5.69
N GLU A 36 -19.80 0.61 6.31
CA GLU A 36 -19.50 1.92 5.74
C GLU A 36 -18.12 2.44 6.13
N ASP A 37 -17.31 1.62 6.82
CA ASP A 37 -15.97 2.02 7.21
C ASP A 37 -15.05 1.90 6.00
N LYS A 38 -14.63 3.04 5.45
CA LYS A 38 -13.73 3.04 4.30
C LYS A 38 -12.34 2.51 4.65
N LEU A 39 -12.05 2.30 5.93
CA LEU A 39 -10.75 1.81 6.39
C LEU A 39 -10.84 0.36 6.88
N ARG A 40 -11.98 -0.30 6.69
CA ARG A 40 -12.19 -1.62 7.30
C ARG A 40 -11.18 -2.64 6.79
N HIS A 41 -10.68 -2.48 5.56
CA HIS A 41 -9.76 -3.44 4.99
C HIS A 41 -8.36 -3.37 5.58
N PHE A 42 -8.04 -2.31 6.33
CA PHE A 42 -6.72 -2.20 6.93
C PHE A 42 -6.53 -3.19 8.09
N ARG A 43 -7.62 -3.63 8.72
CA ARG A 43 -7.51 -4.60 9.80
C ARG A 43 -6.85 -5.89 9.33
N GLU A 44 -6.99 -6.24 8.05
CA GLU A 44 -6.39 -7.43 7.49
C GLU A 44 -4.87 -7.38 7.49
N PHE A 46 -2.93 -6.57 9.75
CA PHE A 46 -2.38 -6.81 11.09
C PHE A 46 -2.70 -8.21 11.61
N TYR A 47 -1.80 -8.75 12.45
CA TYR A 47 -2.01 -10.04 13.11
C TYR A 47 -2.83 -9.84 14.37
N ILE A 48 -4.02 -10.42 14.42
CA ILE A 48 -4.99 -10.20 15.48
C ILE A 48 -5.07 -11.46 16.32
N PRO A 49 -4.88 -11.38 17.64
CA PRO A 49 -4.81 -12.59 18.45
C PRO A 49 -6.13 -13.33 18.52
N LYS A 50 -6.04 -14.67 18.61
CA LYS A 50 -7.19 -15.52 18.90
C LYS A 50 -7.31 -15.68 20.41
N ILE A 51 -8.56 -15.82 20.88
CA ILE A 51 -8.81 -15.76 22.32
C ILE A 51 -8.13 -16.92 23.05
N GLN A 52 -8.21 -18.14 22.50
CA GLN A 52 -7.65 -19.28 23.21
C GLN A 52 -6.13 -19.20 23.34
N ASP A 53 -5.47 -18.37 22.53
CA ASP A 53 -4.03 -18.18 22.65
C ASP A 53 -3.65 -17.23 23.78
N LEU A 54 -4.59 -16.50 24.34
CA LEU A 54 -4.25 -15.50 25.36
C LEU A 54 -4.15 -16.17 26.72
N PRO A 55 -3.09 -15.89 27.49
CA PRO A 55 -2.84 -16.60 28.76
C PRO A 55 -3.95 -16.43 29.78
N PRO A 56 -4.42 -15.21 30.09
CA PRO A 56 -5.37 -15.08 31.21
C PRO A 56 -6.75 -15.63 30.92
N VAL A 57 -7.00 -16.21 29.75
CA VAL A 57 -8.34 -16.57 29.33
C VAL A 57 -8.81 -17.81 30.10
N ASP A 58 -9.98 -17.72 30.70
CA ASP A 58 -10.70 -18.89 31.22
C ASP A 58 -11.49 -19.49 30.05
N LEU A 59 -11.02 -20.62 29.53
CA LEU A 59 -11.61 -21.18 28.31
C LEU A 59 -13.07 -21.57 28.49
N SER A 60 -13.52 -21.80 29.73
CA SER A 60 -14.93 -22.09 29.96
C SER A 60 -15.81 -20.92 29.59
N LEU A 61 -15.31 -19.70 29.73
CA LEU A 61 -16.12 -18.50 29.56
C LEU A 61 -16.08 -17.92 28.15
N VAL A 62 -15.33 -18.51 27.23
CA VAL A 62 -15.17 -17.92 25.90
C VAL A 62 -15.56 -18.93 24.84
N ASN A 63 -15.98 -18.39 23.69
CA ASN A 63 -16.05 -19.19 22.47
C ASN A 63 -14.65 -19.21 21.85
N LYS A 64 -14.08 -20.41 21.72
CA LYS A 64 -12.77 -20.52 21.10
C LYS A 64 -12.88 -20.27 19.59
N ASP A 65 -11.72 -20.07 18.97
CA ASP A 65 -11.61 -19.78 17.54
C ASP A 65 -12.38 -18.50 17.20
N GLU A 66 -12.09 -17.44 17.94
CA GLU A 66 -12.76 -16.17 17.77
C GLU A 66 -11.77 -15.06 18.07
N ASP A 67 -11.73 -14.03 17.22
CA ASP A 67 -10.75 -12.97 17.38
C ASP A 67 -10.85 -12.32 18.75
N ALA A 68 -9.70 -11.91 19.27
CA ALA A 68 -9.67 -11.21 20.54
C ALA A 68 -9.93 -9.73 20.36
N ILE A 69 -10.63 -9.13 21.33
CA ILE A 69 -10.80 -7.69 21.37
C ILE A 69 -9.52 -7.10 21.95
N TYR A 70 -8.68 -6.51 21.11
CA TYR A 70 -7.40 -5.96 21.55
C TYR A 70 -7.53 -4.44 21.62
N PHE A 71 -7.64 -3.92 22.84
CA PHE A 71 -7.70 -2.49 23.07
C PHE A 71 -6.43 -1.97 23.76
N ASN A 72 -5.27 -2.57 23.46
CA ASN A 72 -3.98 -2.05 23.88
C ASN A 72 -3.14 -1.49 22.74
N GLY A 73 -3.78 -0.93 21.72
CA GLY A 73 -3.03 -0.23 20.70
C GLY A 73 -2.25 0.91 21.30
N ASN A 74 -2.62 1.28 22.53
CA ASN A 74 -1.98 2.36 23.26
C ASN A 74 -0.72 1.92 24.01
N SER A 75 -0.55 0.62 24.24
CA SER A 75 0.53 0.14 25.09
C SER A 75 1.57 -0.68 24.33
N LEU A 76 1.14 -1.64 23.51
CA LEU A 76 2.03 -2.34 22.61
C LEU A 76 1.22 -2.69 21.36
N GLY A 77 1.55 -2.03 20.25
CA GLY A 77 0.70 -2.11 19.07
C GLY A 77 0.92 -3.38 18.27
N LEU A 78 -0.17 -3.86 17.67
CA LEU A 78 -0.16 -5.11 16.92
C LEU A 78 0.79 -5.07 15.73
N GLN A 79 1.17 -6.26 15.29
CA GLN A 79 2.20 -6.43 14.28
C GLN A 79 1.61 -6.32 12.88
N PRO A 80 2.10 -5.42 12.04
CA PRO A 80 1.76 -5.51 10.61
C PRO A 80 2.27 -6.81 10.02
N LYS A 81 1.47 -7.42 9.16
CA LYS A 81 1.89 -8.65 8.51
C LYS A 81 3.05 -8.43 7.55
N MET A 82 3.28 -7.19 7.11
CA MET A 82 4.39 -6.88 6.21
C MET A 82 5.72 -6.71 6.94
N VAL A 83 5.73 -6.76 8.28
CA VAL A 83 6.97 -6.54 9.02
C VAL A 83 7.99 -7.62 8.69
N LYS A 84 7.58 -8.90 8.79
CA LYS A 84 8.49 -9.98 8.47
C LYS A 84 8.96 -9.92 7.03
N THR A 85 8.11 -9.43 6.12
CA THR A 85 8.52 -9.29 4.73
C THR A 85 9.65 -8.28 4.59
N TYR A 86 9.54 -7.13 5.26
CA TYR A 86 10.61 -6.14 5.15
C TYR A 86 11.88 -6.61 5.84
N LEU A 87 11.75 -7.24 7.02
CA LEU A 87 12.93 -7.80 7.69
C LEU A 87 13.69 -8.72 6.77
N GLU A 88 12.96 -9.51 5.96
CA GLU A 88 13.61 -10.47 5.08
C GLU A 88 14.45 -9.77 4.02
N GLU A 89 13.95 -8.64 3.48
CA GLU A 89 14.75 -7.85 2.56
C GLU A 89 16.10 -7.50 3.16
N GLU A 90 16.07 -6.95 4.38
CA GLU A 90 17.31 -6.46 4.97
C GLU A 90 18.19 -7.60 5.44
N LEU A 91 17.59 -8.70 5.92
CA LEU A 91 18.40 -9.84 6.34
C LEU A 91 19.08 -10.49 5.14
N ASP A 92 18.43 -10.52 3.98
CA ASP A 92 19.08 -11.07 2.79
C ASP A 92 20.21 -10.17 2.31
N LYS A 93 20.00 -8.87 2.30
CA LYS A 93 21.07 -7.95 1.95
C LYS A 93 22.27 -8.13 2.88
N TRP A 94 22.03 -8.24 4.18
CA TRP A 94 23.12 -8.47 5.13
C TRP A 94 23.79 -9.81 4.89
N ALA A 95 23.03 -10.81 4.42
CA ALA A 95 23.61 -12.09 4.08
C ALA A 95 24.17 -12.15 2.67
N LYS A 96 23.95 -11.12 1.85
CA LYS A 96 24.38 -11.11 0.47
C LYS A 96 25.57 -10.19 0.24
N ILE A 97 25.51 -8.96 0.75
CA ILE A 97 26.63 -8.02 0.74
C ILE A 97 26.73 -7.50 2.17
N ALA A 98 27.69 -8.00 2.93
CA ALA A 98 27.64 -7.77 4.37
C ALA A 98 27.80 -6.29 4.70
N ILE A 99 29.00 -5.75 4.51
CA ILE A 99 29.24 -4.35 4.84
C ILE A 99 28.86 -3.40 3.72
N TYR A 100 28.62 -3.91 2.51
CA TYR A 100 28.32 -3.03 1.39
C TYR A 100 26.88 -2.51 1.41
N GLY A 101 26.05 -3.00 2.33
CA GLY A 101 24.67 -2.50 2.42
C GLY A 101 24.57 -1.07 2.87
N TRP A 102 25.67 -0.51 3.42
CA TRP A 102 25.64 0.88 3.88
C TRP A 102 25.62 1.85 2.72
N PHE A 103 26.38 1.56 1.66
CA PHE A 103 26.61 2.53 0.61
C PHE A 103 26.28 2.03 -0.78
N GLU A 104 25.95 0.76 -0.95
CA GLU A 104 25.75 0.18 -2.27
C GLU A 104 24.32 -0.31 -2.43
N GLY A 105 23.85 -0.34 -3.67
CA GLY A 105 22.57 -0.93 -3.98
C GLY A 105 21.45 0.07 -4.10
N ASP A 106 20.24 -0.47 -4.26
CA ASP A 106 19.06 0.36 -4.48
C ASP A 106 18.66 1.12 -3.22
N SER A 107 18.97 0.58 -2.04
CA SER A 107 18.61 1.20 -0.77
C SER A 107 19.78 1.10 0.19
N PRO A 108 20.60 2.14 0.28
CA PRO A 108 21.71 2.12 1.25
C PRO A 108 21.20 2.25 2.67
N TRP A 109 21.81 1.46 3.57
CA TRP A 109 21.49 1.56 5.00
C TRP A 109 21.82 2.94 5.54
N ILE A 110 22.84 3.59 4.99
CA ILE A 110 23.30 4.88 5.49
C ILE A 110 22.20 5.94 5.39
N HIS A 111 21.19 5.72 4.55
CA HIS A 111 20.13 6.69 4.35
C HIS A 111 18.77 6.24 4.88
N TYR A 112 18.68 5.08 5.54
CA TYR A 112 17.39 4.60 6.01
C TYR A 112 16.71 5.60 6.96
N ASP A 113 17.34 5.89 8.10
CA ASP A 113 16.70 6.77 9.07
C ASP A 113 16.41 8.13 8.46
N GLU A 114 17.21 8.55 7.47
CA GLU A 114 17.06 9.84 6.83
C GLU A 114 16.16 9.82 5.60
N SER A 115 15.63 8.66 5.21
CA SER A 115 14.63 8.59 4.16
C SER A 115 13.24 8.33 4.69
N ILE A 116 13.06 7.37 5.61
CA ILE A 116 11.74 7.09 6.15
C ILE A 116 11.24 8.18 7.06
N VAL A 117 12.06 9.20 7.34
CA VAL A 117 11.55 10.41 7.96
C VAL A 117 10.51 11.06 7.04
N GLY A 118 10.67 10.90 5.73
CA GLY A 118 9.68 11.34 4.77
C GLY A 118 8.34 10.66 4.90
N LEU A 119 8.26 9.58 5.70
CA LEU A 119 6.99 9.01 6.10
C LEU A 119 6.52 9.51 7.45
N MET A 120 7.39 10.15 8.23
CA MET A 120 7.03 10.74 9.50
C MET A 120 6.52 12.17 9.40
N LYS A 121 6.89 12.89 8.32
CA LYS A 121 6.53 14.30 8.21
C LYS A 121 5.05 14.53 8.47
N ASP A 122 4.19 13.73 7.85
CA ASP A 122 2.76 13.99 7.96
C ASP A 122 2.16 13.45 9.25
N ILE A 123 2.91 12.69 10.04
CA ILE A 123 2.38 12.12 11.27
C ILE A 123 2.56 13.06 12.46
N VAL A 124 3.67 13.80 12.49
CA VAL A 124 3.89 14.81 13.52
C VAL A 124 3.73 16.23 12.98
N GLY A 125 3.67 16.41 11.67
CA GLY A 125 3.60 17.73 11.09
C GLY A 125 4.90 18.49 11.21
N ALA A 126 5.95 18.01 10.53
CA ALA A 126 7.26 18.63 10.57
C ALA A 126 7.94 18.44 9.23
N ASN A 127 9.15 18.98 9.08
CA ASN A 127 9.91 18.88 7.85
C ASN A 127 10.87 17.71 7.88
N GLU A 128 11.43 17.42 6.70
CA GLU A 128 12.50 16.44 6.55
C GLU A 128 13.57 16.60 7.61
N LYS A 129 14.11 17.81 7.76
CA LYS A 129 15.28 18.05 8.59
C LYS A 129 14.94 18.33 10.06
N GLU A 130 13.66 18.34 10.42
CA GLU A 130 13.25 18.63 11.79
C GLU A 130 13.06 17.37 12.64
N ILE A 131 13.19 16.19 12.05
CA ILE A 131 12.91 14.93 12.73
C ILE A 131 14.10 14.01 12.50
N VAL A 132 14.48 13.24 13.51
CA VAL A 132 15.32 12.07 13.33
C VAL A 132 14.69 10.90 14.06
N LEU A 133 14.77 9.73 13.45
CA LEU A 133 14.28 8.50 14.07
C LEU A 133 15.49 7.79 14.67
N MET A 134 15.55 7.71 16.00
CA MET A 134 16.79 7.26 16.63
C MET A 134 16.54 6.87 18.08
N ASN A 135 17.53 6.15 18.63
CA ASN A 135 17.70 5.80 20.05
C ASN A 135 16.38 5.28 20.62
N THR A 136 15.98 5.71 21.82
CA THR A 136 14.76 5.32 22.51
C THR A 136 14.12 6.59 23.06
N LEU A 137 12.88 6.48 23.54
CA LEU A 137 12.13 7.68 23.92
C LEU A 137 12.84 8.43 25.03
N THR A 138 13.02 7.80 26.19
CA THR A 138 13.55 8.51 27.35
C THR A 138 14.91 9.13 27.05
N VAL A 139 15.77 8.41 26.33
CA VAL A 139 17.09 8.96 26.02
C VAL A 139 16.99 10.18 25.13
N ASN A 140 16.09 10.15 24.13
CA ASN A 140 15.88 11.36 23.35
C ASN A 140 15.34 12.50 24.20
N LEU A 141 14.54 12.19 25.23
CA LEU A 141 14.09 13.21 26.16
C LEU A 141 15.27 13.83 26.90
N HIS A 142 16.23 13.00 27.34
CA HIS A 142 17.41 13.53 28.02
C HIS A 142 18.31 14.30 27.06
N LEU A 143 18.56 13.75 25.87
CA LEU A 143 19.45 14.43 24.93
C LEU A 143 18.90 15.80 24.53
N LEU A 144 17.57 15.94 24.51
CA LEU A 144 16.98 17.24 24.22
C LEU A 144 17.08 18.17 25.43
N MET A 145 16.72 17.68 26.61
CA MET A 145 16.74 18.51 27.81
C MET A 145 18.15 19.05 28.08
N LEU A 146 19.17 18.23 27.87
CA LEU A 146 20.54 18.66 28.13
C LEU A 146 20.97 19.84 27.27
N SER A 147 20.20 20.18 26.23
CA SER A 147 20.43 21.37 25.43
C SER A 147 19.46 22.49 25.78
N PHE A 148 18.16 22.20 25.80
CA PHE A 148 17.16 23.23 26.05
C PHE A 148 17.10 23.66 27.51
N PHE A 149 17.43 22.77 28.43
CA PHE A 149 17.39 23.09 29.86
C PHE A 149 18.79 23.54 30.30
N LYS A 150 19.06 24.83 30.08
CA LYS A 150 20.29 25.49 30.53
C LYS A 150 19.86 26.59 31.51
N PRO A 151 19.77 26.28 32.80
CA PRO A 151 19.11 27.19 33.74
C PRO A 151 20.03 28.28 34.28
N THR A 152 19.38 29.31 34.81
CA THR A 152 20.01 30.46 35.44
C THR A 152 19.41 30.66 36.81
N PRO A 153 20.00 31.54 37.64
CA PRO A 153 19.35 31.85 38.92
C PRO A 153 17.96 32.44 38.76
N LYS A 154 17.75 33.30 37.76
CA LYS A 154 16.43 33.87 37.55
C LYS A 154 15.46 32.84 36.96
N ARG A 155 15.97 31.96 36.08
CA ARG A 155 15.14 31.07 35.28
C ARG A 155 15.67 29.64 35.42
N TYR A 156 14.98 28.83 36.23
CA TYR A 156 15.49 27.52 36.62
C TYR A 156 14.44 26.41 36.69
N LYS A 157 13.15 26.72 36.57
CA LYS A 157 12.11 25.73 36.84
C LYS A 157 11.86 24.85 35.61
N ILE A 158 11.18 23.73 35.85
CA ILE A 158 10.62 22.89 34.79
C ILE A 158 9.16 22.61 35.13
N LEU A 159 8.27 22.84 34.17
CA LEU A 159 6.83 22.66 34.38
C LEU A 159 6.37 21.36 33.74
N LEU A 160 5.87 20.44 34.56
CA LEU A 160 5.27 19.18 34.13
C LEU A 160 3.92 19.02 34.82
N GLU A 161 3.25 17.91 34.52
CA GLU A 161 1.91 17.69 35.05
C GLU A 161 1.92 16.68 36.20
N ALA A 162 0.87 16.73 37.00
CA ALA A 162 0.73 15.82 38.12
C ALA A 162 0.54 14.40 37.63
N LYS A 163 1.10 13.44 38.38
CA LYS A 163 1.00 12.02 38.05
C LYS A 163 1.43 11.77 36.62
N ALA A 164 2.51 12.40 36.21
CA ALA A 164 3.06 12.20 34.88
C ALA A 164 3.61 10.77 34.75
N PHE A 165 3.98 10.42 33.53
CA PHE A 165 4.50 9.08 33.28
C PHE A 165 5.81 8.91 34.04
N PRO A 166 6.03 7.78 34.70
CA PRO A 166 7.20 7.66 35.58
C PRO A 166 8.54 7.92 34.91
N SER A 167 8.74 7.43 33.68
CA SER A 167 10.01 7.68 33.00
C SER A 167 10.26 9.17 32.83
N ASP A 168 9.23 9.92 32.42
CA ASP A 168 9.35 11.36 32.31
C ASP A 168 9.68 11.99 33.66
N HIS A 169 8.92 11.62 34.69
CA HIS A 169 9.09 12.20 36.02
C HIS A 169 10.50 11.95 36.54
N TYR A 170 10.99 10.71 36.42
CA TYR A 170 12.35 10.41 36.84
C TYR A 170 13.36 11.18 36.00
N ALA A 171 13.10 11.31 34.70
CA ALA A 171 14.02 12.02 33.82
C ALA A 171 14.15 13.49 34.20
N ILE A 172 13.09 14.07 34.79
CA ILE A 172 13.12 15.49 35.13
C ILE A 172 13.83 15.72 36.46
N GLU A 173 13.56 14.90 37.47
CA GLU A 173 14.34 14.96 38.71
C GLU A 173 15.83 14.89 38.41
N SER A 174 16.23 13.89 37.61
CA SER A 174 17.64 13.70 37.32
C SER A 174 18.22 14.85 36.50
N GLN A 175 17.41 15.48 35.64
CA GLN A 175 17.87 16.68 34.96
C GLN A 175 18.14 17.80 35.95
N LEU A 176 17.25 17.97 36.94
CA LEU A 176 17.44 18.99 37.96
C LEU A 176 18.56 18.61 38.92
N GLN A 177 18.62 17.33 39.33
CA GLN A 177 19.70 16.87 40.18
C GLN A 177 21.06 16.97 39.49
N LEU A 178 21.09 17.02 38.16
CA LEU A 178 22.37 17.19 37.46
C LEU A 178 22.95 18.57 37.70
N HIS A 179 22.10 19.60 37.69
CA HIS A 179 22.55 20.98 37.87
C HIS A 179 22.55 21.41 39.34
N GLY A 180 22.22 20.51 40.26
CA GLY A 180 22.24 20.80 41.67
C GLY A 180 21.00 21.45 42.22
N LEU A 181 19.93 21.53 41.43
CA LEU A 181 18.75 22.29 41.82
C LEU A 181 17.94 21.54 42.87
N ASN A 182 17.37 22.30 43.80
CA ASN A 182 16.38 21.75 44.72
C ASN A 182 15.21 21.20 43.92
N ILE A 183 14.76 19.99 44.28
CA ILE A 183 13.67 19.37 43.55
C ILE A 183 12.34 20.03 43.89
N GLU A 184 12.05 20.23 45.18
CA GLU A 184 10.76 20.80 45.56
C GLU A 184 10.57 22.19 44.97
N GLU A 185 11.60 23.04 45.06
CA GLU A 185 11.50 24.38 44.48
C GLU A 185 11.42 24.34 42.96
N SER A 186 12.23 23.48 42.32
CA SER A 186 12.40 23.55 40.87
C SER A 186 11.35 22.79 40.09
N MET A 187 10.89 21.63 40.56
CA MET A 187 9.83 20.91 39.86
C MET A 187 8.49 21.56 40.18
N ARG A 188 7.97 22.32 39.23
CA ARG A 188 6.62 22.87 39.33
C ARG A 188 5.66 21.88 38.71
N ILE A 189 4.85 21.24 39.53
CA ILE A 189 3.96 20.16 39.11
C ILE A 189 2.52 20.66 39.22
N ILE A 190 1.89 20.87 38.06
CA ILE A 190 0.50 21.31 38.01
C ILE A 190 -0.41 20.15 38.41
N LYS A 191 -1.09 20.28 39.56
CA LYS A 191 -1.99 19.25 40.04
C LYS A 191 -3.44 19.62 39.74
N PRO A 192 -4.31 18.62 39.53
CA PRO A 192 -5.71 18.93 39.25
C PRO A 192 -6.44 19.40 40.51
N ARG A 193 -7.55 20.09 40.29
CA ARG A 193 -8.35 20.57 41.40
C ARG A 193 -8.91 19.39 42.19
N GLU A 194 -9.21 19.64 43.46
CA GLU A 194 -9.69 18.58 44.34
C GLU A 194 -10.97 17.95 43.79
N GLY A 195 -11.06 16.64 43.89
CA GLY A 195 -12.19 15.92 43.34
C GLY A 195 -12.26 15.88 41.84
N GLU A 196 -11.21 16.29 41.15
CA GLU A 196 -11.16 16.28 39.70
C GLU A 196 -10.00 15.42 39.23
N GLU A 197 -10.18 14.74 38.10
CA GLU A 197 -9.19 13.82 37.58
C GLU A 197 -8.33 14.41 36.48
N THR A 198 -8.88 15.26 35.62
CA THR A 198 -8.15 15.87 34.52
C THR A 198 -7.71 17.28 34.89
N LEU A 199 -6.87 17.86 34.04
CA LEU A 199 -6.38 19.22 34.24
C LEU A 199 -7.23 20.22 33.46
N ARG A 200 -7.28 21.46 33.96
CA ARG A 200 -7.99 22.55 33.32
C ARG A 200 -6.99 23.42 32.54
N ILE A 201 -7.32 23.70 31.28
CA ILE A 201 -6.43 24.48 30.44
C ILE A 201 -6.18 25.86 31.02
N GLU A 202 -7.18 26.44 31.68
CA GLU A 202 -6.99 27.75 32.31
C GLU A 202 -6.04 27.67 33.50
N ASP A 203 -6.15 26.61 34.31
CA ASP A 203 -5.24 26.43 35.44
C ASP A 203 -3.80 26.30 34.97
N ILE A 204 -3.58 25.67 33.81
CA ILE A 204 -2.24 25.55 33.28
C ILE A 204 -1.72 26.91 32.82
N LEU A 205 -2.55 27.66 32.10
CA LEU A 205 -2.12 28.96 31.58
C LEU A 205 -1.86 29.95 32.71
N GLU A 206 -2.68 29.90 33.76
CA GLU A 206 -2.49 30.81 34.89
C GLU A 206 -1.11 30.62 35.51
N VAL A 207 -0.70 29.37 35.71
CA VAL A 207 0.62 29.09 36.29
C VAL A 207 1.71 29.58 35.36
N ILE A 208 1.54 29.38 34.05
CA ILE A 208 2.53 29.84 33.08
C ILE A 208 2.63 31.36 33.11
N GLU A 209 1.50 32.05 33.31
CA GLU A 209 1.52 33.50 33.37
C GLU A 209 2.11 34.00 34.69
N LYS A 210 1.73 33.38 35.80
CA LYS A 210 2.25 33.83 37.10
C LYS A 210 3.73 33.51 37.24
N GLU A 211 4.17 32.33 36.81
CA GLU A 211 5.49 31.83 37.13
C GLU A 211 6.42 31.70 35.92
N GLY A 212 5.92 31.94 34.71
CA GLY A 212 6.69 31.60 33.52
C GLY A 212 8.03 32.30 33.43
N ASP A 213 8.15 33.48 34.02
CA ASP A 213 9.42 34.20 33.97
C ASP A 213 10.55 33.42 34.63
N SER A 214 10.23 32.48 35.52
CA SER A 214 11.23 31.68 36.19
C SER A 214 11.33 30.26 35.65
N ILE A 215 10.43 29.86 34.75
CA ILE A 215 10.45 28.52 34.17
C ILE A 215 11.39 28.51 32.97
N ALA A 216 12.31 27.54 32.94
CA ALA A 216 13.23 27.40 31.82
C ALA A 216 12.67 26.52 30.71
N VAL A 217 11.97 25.44 31.07
CA VAL A 217 11.45 24.47 30.11
C VAL A 217 10.09 24.00 30.59
N ILE A 218 9.12 23.93 29.68
CA ILE A 218 7.82 23.30 29.93
C ILE A 218 7.80 21.98 29.16
N LEU A 219 7.45 20.90 29.86
CA LEU A 219 7.52 19.54 29.30
C LEU A 219 6.29 18.76 29.77
N PHE A 220 5.24 18.75 28.95
CA PHE A 220 4.09 17.89 29.18
C PHE A 220 4.09 16.71 28.21
N SER A 221 3.20 15.77 28.49
CA SER A 221 2.88 14.73 27.53
C SER A 221 1.83 15.24 26.54
N GLY A 222 1.88 14.71 25.32
CA GLY A 222 0.86 15.07 24.35
C GLY A 222 -0.50 14.54 24.74
N ILE A 223 -0.55 13.32 25.26
CA ILE A 223 -1.74 12.76 25.87
C ILE A 223 -1.32 12.13 27.21
N HIS A 224 -1.99 12.53 28.28
CA HIS A 224 -1.66 12.03 29.61
C HIS A 224 -2.07 10.56 29.72
N TYR A 225 -1.16 9.71 30.21
CA TYR A 225 -1.38 8.27 30.11
C TYR A 225 -2.51 7.81 31.02
N TYR A 226 -2.64 8.39 32.21
CA TYR A 226 -3.62 7.86 33.15
C TYR A 226 -5.03 8.39 32.87
N THR A 227 -5.16 9.60 32.34
CA THR A 227 -6.47 10.16 32.04
C THR A 227 -6.87 10.05 30.58
N GLY A 228 -5.91 9.94 29.67
CA GLY A 228 -6.21 10.02 28.26
C GLY A 228 -6.46 11.41 27.75
N GLN A 229 -6.23 12.42 28.58
CA GLN A 229 -6.48 13.81 28.23
C GLN A 229 -5.51 14.29 27.15
N HIS A 230 -6.05 14.80 26.05
CA HIS A 230 -5.25 15.46 25.03
C HIS A 230 -5.08 16.93 25.39
N PHE A 231 -3.84 17.33 25.68
CA PHE A 231 -3.58 18.72 26.03
C PHE A 231 -3.57 19.59 24.78
N ASN A 232 -4.14 20.79 24.91
CA ASN A 232 -4.09 21.78 23.83
C ASN A 232 -2.64 22.20 23.62
N ILE A 233 -1.94 21.47 22.73
CA ILE A 233 -0.51 21.70 22.54
C ILE A 233 -0.19 23.10 22.05
N PRO A 234 -0.79 23.61 20.97
CA PRO A 234 -0.36 24.93 20.48
C PRO A 234 -0.64 26.06 21.46
N ALA A 235 -1.63 25.90 22.34
CA ALA A 235 -1.90 26.93 23.34
C ALA A 235 -0.77 26.99 24.36
N ILE A 236 -0.42 25.84 24.95
CA ILE A 236 0.66 25.81 25.94
C ILE A 236 1.94 26.37 25.35
N THR A 237 2.20 26.07 24.08
CA THR A 237 3.40 26.59 23.42
C THR A 237 3.37 28.12 23.37
N LYS A 238 2.28 28.69 22.87
CA LYS A 238 2.16 30.15 22.78
C LYS A 238 2.31 30.80 24.15
N ALA A 239 1.59 30.29 25.14
CA ALA A 239 1.68 30.84 26.49
C ALA A 239 3.10 30.70 27.04
N GLY A 240 3.67 29.50 26.95
CA GLY A 240 5.01 29.30 27.47
C GLY A 240 6.05 30.15 26.76
N GLN A 241 5.94 30.28 25.45
CA GLN A 241 6.93 31.04 24.70
C GLN A 241 6.79 32.54 24.93
N ALA A 242 5.60 33.01 25.28
CA ALA A 242 5.42 34.42 25.59
C ALA A 242 6.22 34.82 26.83
N LYS A 243 6.16 34.00 27.87
CA LYS A 243 6.91 34.23 29.11
C LYS A 243 8.38 33.88 28.98
N GLY A 244 8.85 33.47 27.80
CA GLY A 244 10.25 33.17 27.60
C GLY A 244 10.65 31.72 27.85
N CYS A 245 9.69 30.80 27.88
CA CYS A 245 9.98 29.39 28.15
C CYS A 245 10.21 28.63 26.86
N TYR A 246 11.06 27.60 26.96
CA TYR A 246 11.07 26.56 25.94
C TYR A 246 9.95 25.57 26.23
N VAL A 247 9.22 25.18 25.19
CA VAL A 247 8.09 24.26 25.35
C VAL A 247 8.33 23.04 24.48
N GLY A 248 8.28 21.86 25.09
CA GLY A 248 8.34 20.62 24.36
C GLY A 248 7.39 19.61 24.97
N PHE A 249 7.00 18.63 24.17
CA PHE A 249 6.09 17.59 24.65
C PHE A 249 6.66 16.20 24.42
N ASP A 250 6.20 15.28 25.26
CA ASP A 250 6.44 13.85 25.14
C ASP A 250 5.24 13.24 24.42
N LEU A 251 5.37 13.09 23.09
CA LEU A 251 4.24 12.75 22.24
C LEU A 251 4.03 11.24 22.10
N ALA A 252 4.25 10.47 23.16
CA ALA A 252 4.19 9.02 23.06
C ALA A 252 2.78 8.55 22.71
N HIS A 253 1.80 8.89 23.54
CA HIS A 253 0.41 8.53 23.27
C HIS A 253 -0.26 9.44 22.25
N ALA A 254 0.39 10.51 21.83
CA ALA A 254 -0.18 11.40 20.82
C ALA A 254 0.17 10.96 19.40
N VAL A 255 1.45 10.68 19.13
CA VAL A 255 1.88 10.37 17.79
C VAL A 255 1.26 9.04 17.35
N GLY A 256 0.79 9.00 16.10
CA GLY A 256 0.04 7.86 15.59
C GLY A 256 -1.39 7.79 16.07
N ASN A 257 -1.81 8.67 16.98
CA ASN A 257 -3.14 8.68 17.55
C ASN A 257 -3.94 9.90 17.09
N VAL A 258 -3.42 11.10 17.35
CA VAL A 258 -4.11 12.35 17.03
C VAL A 258 -3.28 13.11 16.00
N GLU A 259 -3.94 14.08 15.36
CA GLU A 259 -3.26 14.89 14.37
C GLU A 259 -2.36 15.90 15.05
N LEU A 260 -1.15 16.05 14.52
CA LEU A 260 -0.11 16.87 15.13
C LEU A 260 0.51 17.78 14.08
N TYR A 261 0.75 19.04 14.48
CA TYR A 261 1.31 20.05 13.59
C TYR A 261 2.45 20.77 14.30
N LEU A 262 3.48 20.00 14.66
CA LEU A 262 4.55 20.52 15.52
C LEU A 262 5.24 21.74 14.93
N HIS A 263 5.39 21.79 13.60
CA HIS A 263 6.10 22.90 12.98
C HIS A 263 5.26 24.17 13.04
N ASP A 264 4.01 24.09 12.55
CA ASP A 264 3.15 25.26 12.53
C ASP A 264 2.80 25.73 13.94
N TRP A 265 2.64 24.78 14.87
CA TRP A 265 2.34 25.12 16.26
C TRP A 265 3.50 25.82 16.96
N GLY A 266 4.70 25.80 16.39
CA GLY A 266 5.84 26.45 16.99
C GLY A 266 6.47 25.68 18.13
N VAL A 267 6.25 24.37 18.21
CA VAL A 267 6.79 23.57 19.31
C VAL A 267 8.30 23.52 19.19
N ASP A 268 8.99 23.73 20.31
CA ASP A 268 10.45 23.81 20.29
C ASP A 268 11.09 22.45 20.08
N PHE A 269 10.62 21.43 20.81
CA PHE A 269 11.16 20.09 20.66
C PHE A 269 10.08 19.08 21.03
N ALA A 270 10.32 17.82 20.66
CA ALA A 270 9.37 16.76 20.94
C ALA A 270 10.10 15.42 20.90
N CYS A 271 9.45 14.40 21.44
CA CYS A 271 10.01 13.05 21.43
C CYS A 271 8.86 12.05 21.61
N TRP A 272 9.04 10.88 21.01
CA TRP A 272 8.00 9.87 21.00
C TRP A 272 8.65 8.51 20.82
N CYS A 273 7.84 7.46 21.00
CA CYS A 273 8.27 6.08 20.86
C CYS A 273 7.59 5.44 19.65
N GLY A 274 8.07 4.26 19.28
CA GLY A 274 7.61 3.61 18.07
C GLY A 274 6.66 2.44 18.25
N TYR A 275 6.56 1.91 19.47
CA TYR A 275 5.84 0.65 19.68
C TYR A 275 4.41 0.79 20.19
N TYR A 277 1.16 3.47 19.17
CA TYR A 277 0.21 3.59 18.06
C TYR A 277 0.91 3.37 16.73
N LEU A 278 2.23 3.60 16.70
CA LEU A 278 3.03 3.43 15.50
C LEU A 278 3.36 1.98 15.19
N ASN A 279 2.95 1.05 16.05
CA ASN A 279 2.92 -0.39 15.73
C ASN A 279 4.26 -0.92 15.25
N SER A 280 5.36 -0.33 15.69
CA SER A 280 6.67 -0.93 15.47
C SER A 280 6.87 -2.03 16.51
N SER A 281 8.08 -2.58 16.60
CA SER A 281 8.31 -3.70 17.48
C SER A 281 8.44 -3.24 18.94
N PRO A 282 8.23 -4.14 19.92
CA PRO A 282 8.49 -3.81 21.32
C PRO A 282 9.88 -3.22 21.55
N GLY A 283 9.94 -2.04 22.17
CA GLY A 283 11.20 -1.34 22.31
C GLY A 283 11.72 -0.76 21.01
N GLY A 284 10.86 -0.63 20.00
CA GLY A 284 11.30 -0.19 18.69
C GLY A 284 11.88 1.22 18.70
N ILE A 285 12.41 1.60 17.54
CA ILE A 285 13.12 2.87 17.41
C ILE A 285 12.20 4.04 17.71
N ALA A 286 12.71 5.00 18.47
CA ALA A 286 11.98 6.20 18.83
C ALA A 286 12.38 7.35 17.92
N GLY A 287 11.84 8.54 18.21
CA GLY A 287 12.07 9.70 17.36
C GLY A 287 12.22 10.96 18.18
N ALA A 288 12.76 11.98 17.51
CA ALA A 288 12.99 13.28 18.11
C ALA A 288 12.48 14.36 17.18
N PHE A 289 12.40 15.58 17.72
CA PHE A 289 11.93 16.73 16.96
C PHE A 289 12.55 18.00 17.52
N ILE A 290 13.01 18.86 16.62
CA ILE A 290 13.46 20.21 16.96
C ILE A 290 13.00 21.13 15.84
N HIS A 291 12.16 22.11 16.17
CA HIS A 291 11.73 23.08 15.18
C HIS A 291 12.94 23.73 14.54
N GLU A 292 12.85 24.00 13.24
CA GLU A 292 14.01 24.47 12.48
C GLU A 292 14.46 25.87 12.91
N LYS A 293 13.65 26.59 13.70
CA LYS A 293 14.10 27.87 14.23
C LYS A 293 15.37 27.71 15.05
N HIS A 294 15.55 26.55 15.69
CA HIS A 294 16.69 26.28 16.55
C HIS A 294 17.79 25.52 15.83
N ALA A 295 17.72 25.40 14.51
CA ALA A 295 18.64 24.54 13.78
C ALA A 295 20.08 24.99 13.93
N HIS A 296 20.31 26.29 14.13
CA HIS A 296 21.66 26.82 14.28
C HIS A 296 21.94 27.44 15.64
N THR A 297 20.93 27.56 16.50
CA THR A 297 21.12 28.12 17.83
C THR A 297 21.30 27.06 18.91
N ILE A 298 20.42 26.05 18.94
CA ILE A 298 20.47 25.00 19.94
C ILE A 298 21.34 23.87 19.41
N LYS A 299 22.43 23.57 20.10
CA LYS A 299 23.39 22.55 19.71
C LYS A 299 23.25 21.31 20.58
N PRO A 300 23.73 20.15 20.10
CA PRO A 300 23.71 18.95 20.93
C PRO A 300 24.62 19.08 22.14
N ALA A 301 24.09 18.64 23.29
CA ALA A 301 24.92 18.56 24.49
C ALA A 301 25.86 17.37 24.41
N LEU A 302 25.34 16.21 24.03
CA LEU A 302 26.12 14.99 23.90
C LEU A 302 26.24 14.64 22.43
N VAL A 303 27.48 14.45 21.96
CA VAL A 303 27.80 14.36 20.54
C VAL A 303 28.35 12.99 20.23
N GLY A 304 27.87 12.40 19.13
CA GLY A 304 28.45 11.19 18.59
C GLY A 304 29.04 11.44 17.21
N TRP A 305 29.33 10.39 16.46
CA TRP A 305 29.91 10.57 15.14
C TRP A 305 28.88 10.56 14.02
N PHE A 306 27.68 10.01 14.26
CA PHE A 306 26.58 10.25 13.32
C PHE A 306 25.87 11.56 13.64
N GLY A 307 26.56 12.48 14.31
CA GLY A 307 26.21 13.89 14.31
C GLY A 307 27.04 14.67 13.33
N HIS A 308 27.98 14.02 12.65
CA HIS A 308 28.89 14.64 11.70
C HIS A 308 28.29 14.55 10.31
N GLU A 309 28.53 15.58 9.48
CA GLU A 309 28.10 15.54 8.09
C GLU A 309 28.61 14.27 7.41
N LEU A 310 27.71 13.57 6.71
CA LEU A 310 28.09 12.31 6.08
C LEU A 310 29.19 12.51 5.04
N SER A 311 29.26 13.69 4.43
CA SER A 311 30.19 13.91 3.33
C SER A 311 31.64 13.72 3.76
N THR A 312 31.96 14.11 4.99
CA THR A 312 33.32 13.93 5.52
C THR A 312 33.31 13.14 6.83
N ARG A 313 32.25 12.37 7.09
CA ARG A 313 32.19 11.62 8.35
C ARG A 313 33.21 10.49 8.38
N PHE A 314 33.46 9.85 7.24
CA PHE A 314 34.28 8.64 7.20
C PHE A 314 35.74 8.92 6.87
N LYS A 315 36.11 10.18 6.64
CA LYS A 315 37.51 10.55 6.73
C LYS A 315 38.04 10.31 8.13
N MET A 316 37.18 10.50 9.14
CA MET A 316 37.52 10.30 10.55
C MET A 316 38.69 11.16 10.99
N ASP A 317 38.81 12.36 10.40
CA ASP A 317 39.87 13.29 10.77
C ASP A 317 39.59 14.03 12.07
N ASN A 318 38.47 13.74 12.73
CA ASN A 318 38.12 14.27 14.04
C ASN A 318 37.91 15.78 14.05
N LYS A 319 37.83 16.40 12.86
CA LYS A 319 37.55 17.83 12.74
C LYS A 319 36.04 17.96 12.55
N LEU A 320 35.34 18.15 13.67
CA LEU A 320 33.88 18.05 13.67
C LEU A 320 33.21 19.09 12.77
N GLN A 321 32.31 18.63 11.91
CA GLN A 321 31.44 19.47 11.11
C GLN A 321 30.02 18.97 11.37
N LEU A 322 29.31 19.66 12.27
CA LEU A 322 28.06 19.16 12.83
C LEU A 322 26.89 19.39 11.88
N ILE A 323 25.93 18.47 11.93
CA ILE A 323 24.71 18.60 11.12
C ILE A 323 23.74 19.52 11.85
N PRO A 324 23.23 20.56 11.20
CA PRO A 324 22.27 21.45 11.87
C PRO A 324 20.96 20.73 12.15
N GLY A 325 20.17 21.33 13.02
CA GLY A 325 18.92 20.74 13.42
C GLY A 325 19.11 19.56 14.36
N VAL A 326 18.11 18.68 14.36
CA VAL A 326 18.07 17.58 15.33
C VAL A 326 18.94 16.40 14.91
N CYS A 327 19.24 16.23 13.61
CA CYS A 327 20.21 15.21 13.19
C CYS A 327 21.57 15.39 13.82
N GLY A 328 21.84 16.52 14.48
CA GLY A 328 23.06 16.66 15.23
C GLY A 328 23.05 15.96 16.57
N PHE A 329 21.86 15.66 17.10
CA PHE A 329 21.79 14.89 18.34
C PHE A 329 21.91 13.40 18.11
N ARG A 330 21.91 12.95 16.86
CA ARG A 330 22.13 11.55 16.53
C ARG A 330 23.56 11.16 16.86
N CYS A 331 23.74 10.28 17.84
CA CYS A 331 25.09 9.92 18.26
C CYS A 331 25.66 8.79 17.42
N SER A 332 24.85 7.78 17.11
CA SER A 332 25.38 6.48 16.72
C SER A 332 24.76 6.00 15.41
N THR A 333 25.30 4.89 14.93
CA THR A 333 24.75 4.24 13.74
C THR A 333 23.33 3.78 14.02
N PRO A 334 22.38 4.03 13.12
CA PRO A 334 20.99 3.69 13.40
C PRO A 334 20.77 2.19 13.32
N PRO A 335 19.94 1.64 14.21
CA PRO A 335 19.64 0.21 14.14
C PRO A 335 18.76 -0.12 12.95
N ILE A 336 19.38 -0.62 11.88
CA ILE A 336 18.70 -0.72 10.59
C ILE A 336 17.45 -1.60 10.67
N LEU A 337 17.53 -2.71 11.41
CA LEU A 337 16.40 -3.64 11.41
C LEU A 337 15.21 -3.11 12.19
N LEU A 338 15.41 -2.12 13.07
CA LEU A 338 14.26 -1.49 13.73
C LEU A 338 13.63 -0.42 12.84
N VAL A 339 14.46 0.31 12.09
CA VAL A 339 13.97 1.21 11.06
C VAL A 339 13.14 0.44 10.04
N CYS A 340 13.64 -0.74 9.66
CA CYS A 340 12.94 -1.63 8.75
C CYS A 340 11.48 -1.84 9.17
N ILE A 341 11.28 -2.26 10.41
CA ILE A 341 9.93 -2.53 10.90
C ILE A 341 9.08 -1.27 10.84
N LEU A 342 9.64 -0.15 11.29
CA LEU A 342 8.87 1.10 11.30
C LEU A 342 8.46 1.49 9.89
N HIS A 343 9.33 1.26 8.91
CA HIS A 343 8.98 1.51 7.51
C HIS A 343 7.72 0.76 7.11
N ALA A 344 7.58 -0.49 7.55
CA ALA A 344 6.40 -1.28 7.21
C ALA A 344 5.14 -0.66 7.79
N SER A 345 5.21 -0.18 9.03
CA SER A 345 4.05 0.43 9.65
C SER A 345 3.75 1.80 9.05
N LEU A 346 4.81 2.58 8.77
CA LEU A 346 4.59 3.93 8.25
C LEU A 346 4.00 3.91 6.84
N GLU A 347 4.34 2.90 6.03
CA GLU A 347 3.67 2.76 4.74
C GLU A 347 2.17 2.55 4.91
N ILE A 348 1.77 1.84 5.96
CA ILE A 348 0.34 1.66 6.21
C ILE A 348 -0.29 2.98 6.64
N PHE A 349 0.38 3.73 7.51
CA PHE A 349 -0.12 5.06 7.86
C PHE A 349 -0.21 5.97 6.64
N LYS A 350 0.65 5.76 5.63
CA LYS A 350 0.55 6.59 4.44
C LYS A 350 -0.66 6.21 3.60
N GLN A 351 -1.02 4.93 3.57
CA GLN A 351 -2.21 4.51 2.82
C GLN A 351 -3.48 5.06 3.45
N ALA A 352 -3.79 4.64 4.67
CA ALA A 352 -4.88 5.22 5.43
C ALA A 352 -4.38 6.53 6.01
N THR A 353 -4.75 7.65 5.39
CA THR A 353 -4.22 8.95 5.80
C THR A 353 -4.47 9.17 7.29
N MET A 354 -3.55 9.91 7.92
CA MET A 354 -3.70 10.22 9.34
C MET A 354 -5.04 10.91 9.60
N LYS A 355 -5.48 11.75 8.66
CA LYS A 355 -6.78 12.40 8.76
C LYS A 355 -7.91 11.38 8.76
N ALA A 356 -7.82 10.37 7.89
CA ALA A 356 -8.86 9.35 7.81
C ALA A 356 -8.89 8.50 9.08
N LEU A 357 -7.75 8.33 9.75
CA LEU A 357 -7.73 7.57 11.00
C LEU A 357 -8.27 8.40 12.15
N ARG A 358 -7.84 9.66 12.26
CA ARG A 358 -8.35 10.54 13.29
C ARG A 358 -9.87 10.70 13.19
N LYS A 359 -10.40 10.68 11.97
CA LYS A 359 -11.84 10.81 11.79
C LYS A 359 -12.58 9.58 12.32
N LYS A 360 -12.08 8.38 12.00
CA LYS A 360 -12.67 7.16 12.55
C LYS A 360 -12.43 7.07 14.05
N SER A 361 -11.23 7.45 14.50
CA SER A 361 -10.90 7.39 15.92
C SER A 361 -11.91 8.16 16.75
N VAL A 362 -12.39 9.29 16.23
CA VAL A 362 -13.37 10.08 16.98
C VAL A 362 -14.72 9.37 17.02
N LEU A 363 -15.15 8.81 15.89
CA LEU A 363 -16.42 8.09 15.88
C LEU A 363 -16.33 6.76 16.62
N LEU A 364 -15.17 6.10 16.55
CA LEU A 364 -15.02 4.79 17.20
C LEU A 364 -14.97 4.93 18.72
N THR A 365 -14.10 5.79 19.23
CA THR A 365 -14.07 6.07 20.66
C THR A 365 -15.39 6.66 21.12
N GLY A 366 -16.01 7.49 20.26
CA GLY A 366 -17.31 8.04 20.60
C GLY A 366 -18.40 6.99 20.72
N TYR A 367 -18.39 6.01 19.82
CA TYR A 367 -19.36 4.93 19.92
C TYR A 367 -19.11 4.06 21.16
N LEU A 368 -17.87 4.03 21.64
CA LEU A 368 -17.61 3.41 22.94
C LEU A 368 -18.19 4.25 24.07
N GLU A 369 -18.00 5.57 24.01
CA GLU A 369 -18.50 6.44 25.07
C GLU A 369 -20.02 6.43 25.12
N TYR A 370 -20.68 6.42 23.96
CA TYR A 370 -22.13 6.39 23.93
C TYR A 370 -22.67 5.12 24.57
N LEU A 371 -22.09 3.96 24.21
CA LEU A 371 -22.59 2.71 24.76
C LEU A 371 -22.27 2.55 26.23
N ILE A 372 -21.27 3.26 26.74
CA ILE A 372 -20.98 3.21 28.18
C ILE A 372 -21.93 4.12 28.95
N LYS A 373 -22.07 5.37 28.50
CA LYS A 373 -22.96 6.31 29.19
C LYS A 373 -24.41 5.85 29.15
N HIS A 374 -24.85 5.34 27.99
CA HIS A 374 -26.22 4.89 27.81
C HIS A 374 -26.65 3.91 28.89
N ASN A 375 -26.05 2.71 28.89
CA ASN A 375 -26.47 1.67 29.82
C ASN A 375 -26.23 2.03 31.28
N TYR A 376 -25.32 2.96 31.57
CA TYR A 376 -24.95 3.28 32.94
C TYR A 376 -25.07 4.76 33.25
N PRO A 386 -24.64 6.29 38.53
CA PRO A 386 -23.70 5.65 37.61
C PRO A 386 -22.58 4.87 38.31
N VAL A 387 -22.39 3.63 37.85
CA VAL A 387 -21.38 2.74 38.38
C VAL A 387 -20.12 2.71 37.53
N VAL A 388 -20.06 3.54 36.48
CA VAL A 388 -18.88 3.66 35.62
C VAL A 388 -18.57 5.14 35.44
N ASN A 389 -17.32 5.52 35.66
CA ASN A 389 -16.89 6.90 35.54
C ASN A 389 -15.87 6.99 34.41
N ILE A 390 -16.25 7.62 33.30
CA ILE A 390 -15.32 7.85 32.21
C ILE A 390 -14.46 9.04 32.60
N ILE A 391 -13.21 8.77 33.01
CA ILE A 391 -12.31 9.84 33.43
C ILE A 391 -11.85 10.67 32.24
N THR A 392 -11.83 10.07 31.05
CA THR A 392 -11.33 10.76 29.87
C THR A 392 -12.24 11.94 29.52
N PRO A 393 -11.67 13.09 29.14
CA PRO A 393 -12.50 14.24 28.76
C PRO A 393 -13.53 13.87 27.70
N SER A 394 -14.73 14.44 27.85
CA SER A 394 -15.84 14.08 26.98
C SER A 394 -15.84 14.84 25.66
N HIS A 395 -15.21 16.01 25.61
CA HIS A 395 -15.14 16.78 24.37
C HIS A 395 -14.30 16.02 23.35
N VAL A 396 -14.83 15.88 22.13
CA VAL A 396 -14.20 15.02 21.13
C VAL A 396 -12.77 15.45 20.79
N GLU A 397 -12.42 16.71 21.08
CA GLU A 397 -11.10 17.23 20.74
C GLU A 397 -10.09 17.13 21.88
N GLU A 398 -10.53 16.84 23.10
CA GLU A 398 -9.64 16.78 24.26
C GLU A 398 -9.29 15.35 24.64
N ARG A 399 -9.28 14.45 23.67
CA ARG A 399 -9.02 13.03 23.90
C ARG A 399 -8.57 12.41 22.59
N GLY A 400 -8.18 11.14 22.66
CA GLY A 400 -7.71 10.42 21.50
C GLY A 400 -8.49 9.12 21.33
N CYS A 401 -7.74 8.05 21.03
CA CYS A 401 -8.36 6.74 20.99
C CYS A 401 -8.76 6.26 22.37
N GLN A 402 -7.96 6.59 23.39
CA GLN A 402 -8.10 5.96 24.69
C GLN A 402 -9.19 6.60 25.53
N LEU A 403 -9.96 5.74 26.22
CA LEU A 403 -10.84 6.13 27.32
C LEU A 403 -10.35 5.43 28.59
N THR A 404 -10.45 6.12 29.73
CA THR A 404 -10.08 5.57 31.03
C THR A 404 -11.32 5.40 31.88
N LEU A 405 -11.45 4.26 32.55
CA LEU A 405 -12.66 3.94 33.30
C LEU A 405 -12.35 3.62 34.76
N THR A 406 -13.31 3.95 35.63
CA THR A 406 -13.33 3.49 37.01
C THR A 406 -14.74 3.06 37.36
N PHE A 407 -14.84 2.01 38.17
CA PHE A 407 -16.11 1.35 38.44
C PHE A 407 -16.40 1.39 39.93
N ASN A 408 -17.69 1.43 40.26
CA ASN A 408 -18.14 1.37 41.65
C ASN A 408 -18.72 0.01 42.03
N VAL A 409 -18.45 -1.03 41.25
CA VAL A 409 -18.82 -2.39 41.66
C VAL A 409 -17.78 -2.87 42.66
N PRO A 410 -18.15 -3.06 43.90
CA PRO A 410 -17.16 -3.35 44.94
C PRO A 410 -16.75 -4.82 44.98
N ASN A 411 -17.70 -5.71 44.67
CA ASN A 411 -17.55 -7.14 44.89
C ASN A 411 -16.99 -7.90 43.70
N LYS A 412 -16.73 -7.22 42.57
CA LYS A 412 -16.11 -7.84 41.40
C LYS A 412 -14.95 -6.99 40.91
N ASP A 413 -13.83 -7.65 40.61
CA ASP A 413 -12.76 -7.01 39.85
C ASP A 413 -13.15 -7.03 38.38
N VAL A 414 -13.49 -5.86 37.85
CA VAL A 414 -13.91 -5.76 36.46
C VAL A 414 -12.76 -6.18 35.54
N PHE A 415 -11.55 -5.74 35.85
CA PHE A 415 -10.42 -5.98 34.96
C PHE A 415 -10.13 -7.46 34.78
N GLN A 416 -10.02 -8.20 35.88
CA GLN A 416 -9.77 -9.64 35.76
C GLN A 416 -10.91 -10.33 35.03
N GLU A 417 -12.15 -9.96 35.37
CA GLU A 417 -13.32 -10.54 34.70
C GLU A 417 -13.30 -10.25 33.20
N LEU A 418 -12.78 -9.07 32.80
CA LEU A 418 -12.74 -8.74 31.39
C LEU A 418 -11.70 -9.58 30.64
N GLU A 419 -10.49 -9.69 31.17
CA GLU A 419 -9.43 -10.37 30.44
C GLU A 419 -9.61 -11.88 30.42
N LYS A 420 -10.38 -12.44 31.37
CA LYS A 420 -10.76 -13.83 31.31
C LYS A 420 -11.45 -14.16 29.99
N ARG A 421 -12.07 -13.17 29.38
CA ARG A 421 -12.95 -13.37 28.23
C ARG A 421 -12.35 -12.88 26.93
N GLY A 422 -11.05 -12.58 26.91
CA GLY A 422 -10.38 -12.21 25.68
C GLY A 422 -10.35 -10.73 25.39
N VAL A 423 -10.60 -9.88 26.39
CA VAL A 423 -10.51 -8.43 26.22
C VAL A 423 -9.15 -7.99 26.73
N VAL A 424 -8.28 -7.58 25.81
CA VAL A 424 -6.92 -7.19 26.14
C VAL A 424 -6.91 -5.67 26.29
N CYS A 425 -6.77 -5.21 27.52
CA CYS A 425 -6.70 -3.78 27.79
C CYS A 425 -5.89 -3.59 29.08
N ASP A 426 -5.51 -2.36 29.36
CA ASP A 426 -4.62 -2.11 30.48
C ASP A 426 -5.37 -1.93 31.79
N LYS A 427 -4.62 -2.03 32.88
CA LYS A 427 -5.07 -1.69 34.21
C LYS A 427 -4.02 -0.78 34.82
N ARG A 428 -4.42 0.43 35.21
CA ARG A 428 -3.48 1.38 35.81
C ARG A 428 -3.89 1.68 37.23
N ASN A 429 -2.93 1.60 38.15
CA ASN A 429 -3.19 1.93 39.54
C ASN A 429 -3.72 3.35 39.65
N PRO A 430 -4.64 3.62 40.59
CA PRO A 430 -5.21 2.67 41.55
C PRO A 430 -6.37 1.83 41.01
N ASN A 431 -7.40 2.45 40.45
CA ASN A 431 -8.54 1.71 39.92
C ASN A 431 -8.68 1.83 38.41
N GLY A 432 -7.81 2.59 37.75
CA GLY A 432 -8.00 2.89 36.34
C GLY A 432 -7.72 1.69 35.44
N ILE A 433 -8.60 1.48 34.46
CA ILE A 433 -8.35 0.56 33.36
C ILE A 433 -8.50 1.35 32.07
N ARG A 434 -7.66 1.05 31.08
CA ARG A 434 -7.56 1.85 29.88
C ARG A 434 -7.98 1.02 28.67
N VAL A 435 -8.96 1.52 27.93
CA VAL A 435 -9.39 0.91 26.68
C VAL A 435 -9.11 1.88 25.54
N ALA A 436 -8.47 1.39 24.48
CA ALA A 436 -8.02 2.23 23.38
C ALA A 436 -8.27 1.52 22.05
N PRO A 437 -9.50 1.56 21.56
CA PRO A 437 -9.75 1.10 20.18
C PRO A 437 -9.04 2.02 19.20
N VAL A 438 -8.21 1.42 18.34
CA VAL A 438 -7.45 2.21 17.37
C VAL A 438 -8.07 2.01 15.99
N PRO A 439 -7.94 2.98 15.08
CA PRO A 439 -8.66 2.89 13.80
C PRO A 439 -8.09 1.85 12.84
N LEU A 440 -6.84 1.40 13.02
CA LEU A 440 -6.25 0.47 12.07
C LEU A 440 -6.88 -0.91 12.16
N TYR A 441 -6.83 -1.54 13.34
CA TYR A 441 -7.31 -2.91 13.47
C TYR A 441 -8.58 -3.06 14.28
N ASN A 442 -9.11 -2.00 14.88
CA ASN A 442 -10.30 -2.15 15.70
C ASN A 442 -11.55 -1.69 14.96
N SER A 443 -12.59 -2.50 15.05
CA SER A 443 -13.87 -2.26 14.40
C SER A 443 -14.93 -1.95 15.46
N PHE A 444 -16.02 -1.33 15.00
CA PHE A 444 -17.12 -1.01 15.90
C PHE A 444 -17.70 -2.26 16.53
N HIS A 445 -17.72 -3.37 15.78
CA HIS A 445 -18.21 -4.62 16.34
C HIS A 445 -17.34 -5.08 17.51
N ASP A 446 -16.05 -4.74 17.49
CA ASP A 446 -15.23 -4.95 18.69
C ASP A 446 -15.75 -4.15 19.86
N VAL A 447 -16.14 -2.90 19.61
CA VAL A 447 -16.65 -2.03 20.67
C VAL A 447 -18.01 -2.52 21.15
N TYR A 448 -18.87 -2.97 20.21
CA TYR A 448 -20.14 -3.56 20.61
C TYR A 448 -19.92 -4.81 21.47
N LYS A 449 -19.07 -5.73 21.00
CA LYS A 449 -18.81 -6.95 21.76
C LYS A 449 -18.21 -6.64 23.12
N PHE A 450 -17.39 -5.61 23.21
CA PHE A 450 -16.78 -5.22 24.49
C PHE A 450 -17.85 -4.86 25.52
N THR A 451 -18.69 -3.88 25.20
CA THR A 451 -19.60 -3.32 26.20
C THR A 451 -20.64 -4.34 26.67
N ASN A 452 -21.02 -5.29 25.82
CA ASN A 452 -21.95 -6.33 26.27
C ASN A 452 -21.28 -7.32 27.22
N LEU A 453 -19.97 -7.50 27.13
CA LEU A 453 -19.25 -8.23 28.17
C LEU A 453 -19.16 -7.38 29.43
N LEU A 454 -18.77 -6.11 29.28
CA LEU A 454 -18.76 -5.19 30.41
C LEU A 454 -20.15 -5.06 31.02
N THR A 455 -21.20 -5.21 30.21
CA THR A 455 -22.56 -5.18 30.76
C THR A 455 -22.87 -6.47 31.50
N SER A 456 -22.63 -7.62 30.85
CA SER A 456 -22.86 -8.91 31.49
C SER A 456 -22.11 -9.02 32.81
N ILE A 457 -20.94 -8.38 32.91
CA ILE A 457 -20.16 -8.43 34.14
C ILE A 457 -20.76 -7.53 35.21
N LEU A 458 -21.03 -6.27 34.87
CA LEU A 458 -21.52 -5.32 35.86
C LEU A 458 -22.91 -5.65 36.38
N ASP A 459 -23.69 -6.45 35.63
CA ASP A 459 -24.96 -6.94 36.13
C ASP A 459 -24.79 -8.12 37.09
N SER A 460 -23.61 -8.74 37.11
CA SER A 460 -23.31 -9.90 37.93
C SER A 460 -24.24 -11.07 37.60
N LEU B 6 -13.86 -27.47 -7.60
CA LEU B 6 -14.44 -26.26 -7.03
C LEU B 6 -15.65 -25.79 -7.84
N GLU B 7 -16.16 -24.61 -7.49
CA GLU B 7 -17.40 -24.10 -8.06
C GLU B 7 -17.11 -23.16 -9.22
N LEU B 8 -17.86 -23.32 -10.31
CA LEU B 8 -17.73 -22.46 -11.48
C LEU B 8 -18.43 -21.12 -11.26
N PRO B 9 -18.13 -20.12 -12.08
CA PRO B 9 -18.82 -18.82 -11.93
C PRO B 9 -20.34 -18.93 -12.03
N ALA B 10 -20.85 -19.60 -13.07
CA ALA B 10 -22.30 -19.71 -13.24
C ALA B 10 -22.96 -20.41 -12.06
N ASP B 11 -22.27 -21.38 -11.45
CA ASP B 11 -22.81 -22.05 -10.28
C ASP B 11 -22.79 -21.13 -9.06
N THR B 12 -21.78 -20.28 -8.93
CA THR B 12 -21.71 -19.38 -7.78
C THR B 12 -22.80 -18.33 -7.85
N VAL B 13 -23.13 -17.85 -9.06
CA VAL B 13 -24.22 -16.89 -9.21
C VAL B 13 -25.54 -17.51 -8.78
N GLN B 14 -25.79 -18.75 -9.21
CA GLN B 14 -27.04 -19.42 -8.86
C GLN B 14 -27.15 -19.64 -7.35
N ARG B 15 -26.04 -20.02 -6.71
CA ARG B 15 -26.07 -20.24 -5.26
C ARG B 15 -26.41 -18.95 -4.51
N ILE B 16 -25.67 -17.87 -4.81
CA ILE B 16 -25.94 -16.60 -4.15
C ILE B 16 -27.38 -16.17 -4.38
N ALA B 17 -27.88 -16.37 -5.60
CA ALA B 17 -29.28 -16.08 -5.88
C ALA B 17 -30.19 -16.86 -4.96
N ALA B 18 -29.96 -18.17 -4.83
CA ALA B 18 -30.78 -18.98 -3.94
C ALA B 18 -30.64 -18.53 -2.48
N GLU B 19 -29.42 -18.21 -2.05
CA GLU B 19 -29.21 -17.79 -0.67
C GLU B 19 -29.90 -16.47 -0.39
N LEU B 20 -29.93 -15.57 -1.36
CA LEU B 20 -30.64 -14.30 -1.22
C LEU B 20 -32.11 -14.42 -1.55
N LYS B 21 -32.58 -15.59 -1.99
CA LYS B 21 -33.96 -15.80 -2.44
C LYS B 21 -34.35 -14.76 -3.48
N CYS B 22 -33.49 -14.60 -4.48
CA CYS B 22 -33.75 -13.69 -5.57
C CYS B 22 -33.36 -14.36 -6.88
N HIS B 23 -33.69 -13.71 -7.97
CA HIS B 23 -33.43 -14.22 -9.30
C HIS B 23 -31.98 -13.91 -9.67
N PRO B 24 -31.23 -14.88 -10.20
CA PRO B 24 -29.78 -14.63 -10.45
C PRO B 24 -29.50 -13.35 -11.21
N THR B 25 -30.38 -12.98 -12.15
CA THR B 25 -30.23 -11.74 -12.92
C THR B 25 -30.78 -10.52 -12.19
N ASP B 26 -30.53 -10.40 -10.89
CA ASP B 26 -31.05 -9.29 -10.10
C ASP B 26 -29.88 -8.47 -9.57
N GLU B 27 -30.14 -7.17 -9.41
CA GLU B 27 -29.10 -6.25 -8.95
C GLU B 27 -28.49 -6.67 -7.63
N ARG B 28 -29.28 -7.34 -6.77
CA ARG B 28 -28.81 -7.68 -5.44
C ARG B 28 -27.69 -8.72 -5.46
N VAL B 29 -27.61 -9.53 -6.52
CA VAL B 29 -26.47 -10.42 -6.69
C VAL B 29 -25.20 -9.61 -6.86
N ALA B 30 -25.21 -8.65 -7.79
CA ALA B 30 -24.02 -7.84 -8.03
C ALA B 30 -23.68 -7.01 -6.80
N LEU B 31 -24.69 -6.50 -6.10
CA LEU B 31 -24.42 -5.76 -4.86
C LEU B 31 -23.79 -6.67 -3.81
N HIS B 32 -24.25 -7.91 -3.72
CA HIS B 32 -23.66 -8.87 -2.79
C HIS B 32 -22.21 -9.19 -3.16
N LEU B 33 -21.97 -9.49 -4.44
CA LEU B 33 -20.64 -9.84 -4.90
C LEU B 33 -19.63 -8.74 -4.57
N ASP B 34 -20.04 -7.48 -4.67
CA ASP B 34 -19.14 -6.39 -4.32
C ASP B 34 -18.92 -6.32 -2.80
N GLU B 35 -19.97 -6.56 -2.01
CA GLU B 35 -19.82 -6.53 -0.57
C GLU B 35 -18.90 -7.64 -0.07
N GLU B 36 -18.90 -8.79 -0.75
CA GLU B 36 -18.01 -9.89 -0.42
C GLU B 36 -16.71 -9.86 -1.20
N ASP B 37 -16.53 -8.89 -2.09
CA ASP B 37 -15.28 -8.72 -2.81
C ASP B 37 -14.19 -8.28 -1.83
N LYS B 38 -13.16 -9.10 -1.65
CA LYS B 38 -12.07 -8.73 -0.76
C LYS B 38 -11.13 -7.71 -1.39
N LEU B 39 -11.19 -7.53 -2.71
CA LEU B 39 -10.40 -6.52 -3.41
C LEU B 39 -11.18 -5.23 -3.65
N ARG B 40 -12.33 -5.08 -3.01
CA ARG B 40 -13.23 -3.95 -3.29
C ARG B 40 -12.55 -2.61 -3.06
N HIS B 41 -11.69 -2.51 -2.05
CA HIS B 41 -11.11 -1.23 -1.66
C HIS B 41 -10.11 -0.68 -2.68
N PHE B 42 -9.73 -1.46 -3.70
CA PHE B 42 -8.73 -0.99 -4.65
C PHE B 42 -9.31 -0.04 -5.68
N ARG B 43 -10.58 -0.22 -6.04
CA ARG B 43 -11.25 0.69 -6.96
C ARG B 43 -11.01 2.15 -6.57
N GLU B 44 -10.77 2.39 -5.29
CA GLU B 44 -10.49 3.73 -4.78
C GLU B 44 -9.04 4.18 -5.05
N PHE B 46 -7.67 4.18 -7.87
CA PHE B 46 -7.62 4.52 -9.30
C PHE B 46 -8.55 5.67 -9.65
N TYR B 47 -8.10 6.56 -10.55
CA TYR B 47 -8.95 7.63 -11.07
C TYR B 47 -9.92 7.07 -12.08
N ILE B 48 -11.21 7.06 -11.74
CA ILE B 48 -12.25 6.53 -12.61
C ILE B 48 -12.96 7.70 -13.29
N PRO B 49 -13.00 7.75 -14.63
CA PRO B 49 -13.63 8.89 -15.30
C PRO B 49 -15.12 8.98 -15.00
N LYS B 50 -15.60 10.21 -14.88
CA LYS B 50 -17.03 10.46 -14.79
C LYS B 50 -17.65 10.43 -16.19
N ILE B 51 -18.96 10.21 -16.23
CA ILE B 51 -19.62 10.03 -17.53
C ILE B 51 -19.64 11.32 -18.33
N GLN B 52 -20.00 12.44 -17.69
CA GLN B 52 -20.14 13.66 -18.49
C GLN B 52 -18.81 14.24 -18.94
N ASP B 53 -17.68 13.66 -18.53
CA ASP B 53 -16.38 14.05 -19.04
C ASP B 53 -15.98 13.30 -20.31
N LEU B 54 -16.69 12.23 -20.64
CA LEU B 54 -16.30 11.39 -21.77
C LEU B 54 -16.74 12.03 -23.08
N PRO B 55 -15.86 12.08 -24.08
CA PRO B 55 -16.15 12.81 -25.32
C PRO B 55 -17.38 12.28 -26.06
N PRO B 56 -17.54 10.93 -26.24
CA PRO B 56 -18.64 10.47 -27.09
C PRO B 56 -19.96 10.26 -26.36
N VAL B 57 -20.14 10.90 -25.21
CA VAL B 57 -21.33 10.67 -24.39
C VAL B 57 -22.43 11.65 -24.76
N ASP B 58 -23.63 11.11 -25.02
CA ASP B 58 -24.83 11.91 -25.25
C ASP B 58 -25.44 12.24 -23.90
N LEU B 59 -25.33 13.51 -23.47
CA LEU B 59 -25.77 13.87 -22.12
C LEU B 59 -27.27 13.73 -21.94
N SER B 60 -28.05 13.61 -23.02
CA SER B 60 -29.47 13.36 -22.85
C SER B 60 -29.77 11.93 -22.42
N LEU B 61 -28.82 11.02 -22.59
CA LEU B 61 -29.02 9.60 -22.32
C LEU B 61 -28.42 9.16 -20.99
N VAL B 62 -27.71 10.03 -20.29
CA VAL B 62 -26.93 9.63 -19.13
C VAL B 62 -27.23 10.54 -17.95
N ASN B 63 -26.78 10.09 -16.77
CA ASN B 63 -26.89 10.86 -15.54
C ASN B 63 -25.52 11.45 -15.23
N LYS B 64 -25.42 12.77 -15.24
CA LYS B 64 -24.17 13.42 -14.85
C LYS B 64 -23.83 13.08 -13.40
N ASP B 65 -22.55 13.22 -13.06
CA ASP B 65 -22.03 12.85 -11.74
C ASP B 65 -22.34 11.39 -11.43
N GLU B 66 -22.04 10.52 -12.40
CA GLU B 66 -22.12 9.08 -12.23
C GLU B 66 -20.91 8.47 -12.91
N ASP B 67 -20.24 7.54 -12.21
CA ASP B 67 -19.01 6.97 -12.73
C ASP B 67 -19.26 6.24 -14.04
N ALA B 68 -18.27 6.26 -14.92
CA ALA B 68 -18.35 5.58 -16.19
C ALA B 68 -18.07 4.09 -16.04
N ILE B 69 -18.61 3.31 -16.96
CA ILE B 69 -18.38 1.87 -17.00
C ILE B 69 -17.16 1.64 -17.88
N TYR B 70 -16.00 1.44 -17.26
CA TYR B 70 -14.74 1.36 -17.98
C TYR B 70 -14.36 -0.12 -18.12
N PHE B 71 -14.65 -0.69 -19.29
CA PHE B 71 -14.25 -2.06 -19.61
C PHE B 71 -13.11 -2.09 -20.62
N ASN B 72 -12.35 -1.00 -20.73
CA ASN B 72 -11.33 -0.87 -21.75
C ASN B 72 -9.93 -0.85 -21.14
N GLY B 73 -9.76 -1.41 -19.94
CA GLY B 73 -8.48 -1.45 -19.28
C GLY B 73 -7.52 -2.44 -19.91
N ASN B 74 -7.95 -3.02 -21.02
CA ASN B 74 -7.12 -3.85 -21.88
C ASN B 74 -6.34 -3.05 -22.92
N SER B 75 -6.68 -1.79 -23.13
CA SER B 75 -6.01 -0.93 -24.09
C SER B 75 -5.30 0.26 -23.46
N LEU B 76 -5.83 0.78 -22.36
CA LEU B 76 -5.12 1.75 -21.53
C LEU B 76 -5.69 1.65 -20.12
N GLY B 77 -4.90 1.14 -19.20
CA GLY B 77 -5.35 1.05 -17.82
C GLY B 77 -5.42 2.40 -17.15
N LEU B 78 -6.35 2.51 -16.21
CA LEU B 78 -6.58 3.78 -15.51
C LEU B 78 -5.35 4.19 -14.71
N GLN B 79 -5.33 5.45 -14.33
CA GLN B 79 -4.19 6.00 -13.60
C GLN B 79 -4.26 5.59 -12.13
N PRO B 80 -3.26 4.88 -11.61
CA PRO B 80 -3.14 4.76 -10.16
C PRO B 80 -2.97 6.15 -9.56
N LYS B 81 -3.72 6.43 -8.49
CA LYS B 81 -3.66 7.76 -7.90
C LYS B 81 -2.25 8.10 -7.40
N MET B 82 -1.50 7.08 -6.97
CA MET B 82 -0.14 7.27 -6.48
C MET B 82 0.84 7.74 -7.55
N VAL B 83 0.44 7.76 -8.83
CA VAL B 83 1.41 8.01 -9.90
C VAL B 83 2.04 9.39 -9.76
N LYS B 84 1.23 10.41 -9.44
CA LYS B 84 1.80 11.75 -9.34
C LYS B 84 2.74 11.89 -8.15
N THR B 85 2.46 11.17 -7.05
CA THR B 85 3.33 11.22 -5.89
C THR B 85 4.70 10.63 -6.19
N TYR B 86 4.74 9.53 -6.96
CA TYR B 86 6.03 8.95 -7.31
C TYR B 86 6.79 9.81 -8.31
N LEU B 87 6.07 10.51 -9.19
CA LEU B 87 6.74 11.43 -10.10
C LEU B 87 7.28 12.65 -9.37
N GLU B 88 6.61 13.06 -8.28
CA GLU B 88 7.09 14.21 -7.52
C GLU B 88 8.40 13.89 -6.80
N GLU B 89 8.54 12.66 -6.28
CA GLU B 89 9.77 12.29 -5.59
C GLU B 89 10.99 12.41 -6.48
N GLU B 90 10.81 12.19 -7.79
CA GLU B 90 11.93 12.21 -8.72
C GLU B 90 12.14 13.57 -9.36
N LEU B 91 11.06 14.32 -9.59
CA LEU B 91 11.21 15.69 -10.07
C LEU B 91 11.84 16.58 -9.01
N ASP B 92 11.41 16.44 -7.74
CA ASP B 92 12.14 17.04 -6.64
C ASP B 92 13.60 16.62 -6.66
N LYS B 93 13.85 15.33 -6.84
CA LYS B 93 15.19 14.79 -6.74
C LYS B 93 16.05 15.20 -7.93
N TRP B 94 15.45 15.29 -9.12
CA TRP B 94 16.15 15.86 -10.27
C TRP B 94 16.43 17.35 -10.06
N ALA B 95 15.51 18.05 -9.41
CA ALA B 95 15.71 19.48 -9.17
C ALA B 95 16.67 19.77 -8.02
N LYS B 96 16.60 18.97 -6.95
CA LYS B 96 17.42 19.25 -5.76
C LYS B 96 18.87 18.82 -5.96
N ILE B 97 19.08 17.66 -6.58
CA ILE B 97 20.41 17.17 -6.95
C ILE B 97 20.31 16.67 -8.39
N ALA B 98 20.97 17.36 -9.32
CA ALA B 98 20.73 17.01 -10.71
C ALA B 98 21.33 15.67 -11.06
N ILE B 99 22.59 15.64 -11.51
CA ILE B 99 23.17 14.38 -11.93
C ILE B 99 23.56 13.49 -10.77
N TYR B 100 23.49 13.99 -9.54
CA TYR B 100 23.79 13.15 -8.40
C TYR B 100 22.69 12.16 -8.08
N GLY B 101 21.55 12.24 -8.76
CA GLY B 101 20.48 11.29 -8.52
C GLY B 101 20.83 9.88 -8.93
N TRP B 102 21.71 9.73 -9.93
CA TRP B 102 22.01 8.40 -10.45
C TRP B 102 22.64 7.50 -9.40
N PHE B 103 23.55 8.04 -8.60
CA PHE B 103 24.37 7.23 -7.70
C PHE B 103 24.20 7.56 -6.22
N GLU B 104 23.69 8.74 -5.86
CA GLU B 104 23.69 9.20 -4.48
C GLU B 104 22.29 9.07 -3.89
N GLY B 105 22.21 9.28 -2.57
CA GLY B 105 20.92 9.36 -1.90
C GLY B 105 20.34 8.00 -1.53
N ASP B 106 19.13 8.04 -0.96
CA ASP B 106 18.47 6.82 -0.50
C ASP B 106 18.11 5.92 -1.68
N SER B 107 17.81 6.50 -2.83
CA SER B 107 17.39 5.74 -4.00
C SER B 107 18.19 6.19 -5.22
N PRO B 108 19.24 5.46 -5.60
CA PRO B 108 19.97 5.80 -6.81
C PRO B 108 19.16 5.43 -8.05
N TRP B 109 19.35 6.24 -9.11
CA TRP B 109 18.64 6.00 -10.36
C TRP B 109 19.21 4.80 -11.12
N ILE B 110 20.50 4.50 -10.93
CA ILE B 110 21.12 3.38 -11.62
C ILE B 110 20.32 2.10 -11.42
N HIS B 111 19.74 1.93 -10.23
CA HIS B 111 19.21 0.64 -9.82
C HIS B 111 17.69 0.53 -9.95
N TYR B 112 16.99 1.55 -10.46
CA TYR B 112 15.53 1.50 -10.49
C TYR B 112 15.02 0.35 -11.37
N ASP B 113 15.41 0.34 -12.65
CA ASP B 113 14.93 -0.73 -13.52
C ASP B 113 15.36 -2.09 -13.03
N GLU B 114 16.48 -2.15 -12.29
CA GLU B 114 16.96 -3.38 -11.68
C GLU B 114 16.43 -3.62 -10.29
N SER B 115 15.80 -2.62 -9.66
CA SER B 115 15.15 -2.86 -8.37
C SER B 115 13.69 -3.26 -8.54
N ILE B 116 12.93 -2.48 -9.31
CA ILE B 116 11.49 -2.72 -9.43
C ILE B 116 11.26 -3.93 -10.33
N VAL B 117 12.33 -4.46 -10.92
CA VAL B 117 12.20 -5.77 -11.55
C VAL B 117 11.88 -6.82 -10.50
N GLY B 118 12.21 -6.55 -9.24
CA GLY B 118 11.79 -7.39 -8.13
C GLY B 118 10.30 -7.40 -7.90
N LEU B 119 9.55 -6.48 -8.52
CA LEU B 119 8.10 -6.51 -8.46
C LEU B 119 7.49 -7.21 -9.67
N MET B 120 8.22 -7.33 -10.77
CA MET B 120 7.78 -8.14 -11.90
C MET B 120 8.07 -9.62 -11.69
N LYS B 121 8.81 -9.99 -10.64
CA LYS B 121 9.11 -11.39 -10.35
C LYS B 121 7.83 -12.23 -10.37
N ASP B 122 6.92 -11.93 -9.46
CA ASP B 122 5.76 -12.78 -9.25
C ASP B 122 4.71 -12.65 -10.34
N ILE B 123 4.72 -11.55 -11.10
CA ILE B 123 3.69 -11.34 -12.11
C ILE B 123 3.93 -12.23 -13.32
N VAL B 124 5.14 -12.19 -13.89
CA VAL B 124 5.47 -13.05 -15.01
C VAL B 124 6.03 -14.41 -14.56
N GLY B 125 6.33 -14.57 -13.28
CA GLY B 125 6.84 -15.84 -12.79
C GLY B 125 8.23 -16.15 -13.27
N ALA B 126 9.21 -15.37 -12.82
CA ALA B 126 10.58 -15.51 -13.28
C ALA B 126 11.52 -15.09 -12.15
N ASN B 127 12.80 -15.00 -12.46
CA ASN B 127 13.82 -14.53 -11.54
C ASN B 127 14.20 -13.10 -11.89
N GLU B 128 15.07 -12.51 -11.08
CA GLU B 128 15.44 -11.11 -11.29
C GLU B 128 16.42 -10.94 -12.45
N LYS B 129 17.20 -11.96 -12.78
CA LYS B 129 18.15 -11.88 -13.87
C LYS B 129 17.59 -12.41 -15.18
N GLU B 130 16.27 -12.65 -15.22
CA GLU B 130 15.58 -13.07 -16.43
C GLU B 130 14.66 -11.99 -16.98
N ILE B 131 14.52 -10.85 -16.29
CA ILE B 131 13.59 -9.81 -16.66
C ILE B 131 14.36 -8.50 -16.75
N VAL B 132 14.01 -7.67 -17.74
CA VAL B 132 14.48 -6.30 -17.84
C VAL B 132 13.27 -5.41 -18.11
N LEU B 133 13.35 -4.18 -17.61
CA LEU B 133 12.36 -3.15 -17.91
C LEU B 133 13.04 -2.11 -18.79
N MET B 134 12.58 -1.99 -20.02
CA MET B 134 13.35 -1.28 -21.04
C MET B 134 12.48 -0.95 -22.23
N ASN B 135 12.90 0.09 -22.95
CA ASN B 135 12.49 0.40 -24.33
C ASN B 135 10.97 0.26 -24.46
N THR B 136 10.49 -0.61 -25.34
CA THR B 136 9.16 -0.59 -25.92
C THR B 136 8.86 -2.02 -26.36
N LEU B 137 7.58 -2.38 -26.38
CA LEU B 137 7.20 -3.75 -26.70
C LEU B 137 7.77 -4.21 -28.04
N THR B 138 7.36 -3.57 -29.14
CA THR B 138 7.81 -4.02 -30.45
C THR B 138 9.34 -4.03 -30.55
N VAL B 139 9.97 -2.96 -30.04
CA VAL B 139 11.43 -2.88 -30.06
C VAL B 139 12.03 -4.08 -29.32
N ASN B 140 11.48 -4.40 -28.14
CA ASN B 140 11.96 -5.57 -27.42
C ASN B 140 11.76 -6.84 -28.24
N LEU B 141 10.60 -6.97 -28.89
CA LEU B 141 10.35 -8.14 -29.72
C LEU B 141 11.42 -8.31 -30.78
N HIS B 142 11.81 -7.22 -31.45
CA HIS B 142 12.89 -7.29 -32.42
C HIS B 142 14.21 -7.66 -31.77
N LEU B 143 14.56 -6.97 -30.67
CA LEU B 143 15.83 -7.21 -30.01
C LEU B 143 15.98 -8.69 -29.64
N LEU B 144 14.91 -9.29 -29.11
CA LEU B 144 14.95 -10.70 -28.75
C LEU B 144 15.05 -11.58 -29.99
N MET B 145 14.27 -11.25 -31.03
CA MET B 145 14.25 -12.10 -32.22
C MET B 145 15.59 -12.09 -32.93
N LEU B 146 16.27 -10.95 -32.95
CA LEU B 146 17.59 -10.87 -33.55
C LEU B 146 18.57 -11.87 -32.94
N SER B 147 18.35 -12.25 -31.68
CA SER B 147 19.19 -13.26 -31.05
C SER B 147 18.64 -14.67 -31.22
N PHE B 148 17.33 -14.82 -31.23
CA PHE B 148 16.74 -16.15 -31.32
C PHE B 148 16.41 -16.59 -32.74
N PHE B 149 16.15 -15.67 -33.66
CA PHE B 149 15.80 -16.10 -35.02
C PHE B 149 17.08 -16.38 -35.78
N LYS B 150 17.64 -17.55 -35.48
CA LYS B 150 18.77 -18.09 -36.21
C LYS B 150 18.21 -19.05 -37.25
N PRO B 151 18.15 -18.67 -38.53
CA PRO B 151 17.51 -19.54 -39.53
C PRO B 151 18.53 -20.30 -40.36
N THR B 152 18.15 -21.49 -40.77
CA THR B 152 18.97 -22.40 -41.55
C THR B 152 18.16 -22.85 -42.75
N PRO B 153 18.81 -23.49 -43.73
CA PRO B 153 18.01 -24.06 -44.82
C PRO B 153 17.07 -25.14 -44.32
N LYS B 154 17.50 -25.93 -43.34
CA LYS B 154 16.61 -26.94 -42.78
C LYS B 154 15.43 -26.27 -42.10
N ARG B 155 15.72 -25.24 -41.32
CA ARG B 155 14.84 -24.78 -40.26
C ARG B 155 14.80 -23.26 -40.31
N TYR B 156 13.74 -22.72 -40.89
CA TYR B 156 13.74 -21.34 -41.33
C TYR B 156 12.43 -20.61 -41.09
N LYS B 157 11.45 -21.24 -40.48
CA LYS B 157 10.10 -20.69 -40.40
C LYS B 157 9.85 -20.03 -39.05
N ILE B 158 8.82 -19.18 -39.02
CA ILE B 158 8.27 -18.59 -37.81
C ILE B 158 6.80 -18.93 -37.76
N LEU B 159 6.36 -19.57 -36.68
CA LEU B 159 4.97 -19.95 -36.50
C LEU B 159 4.26 -18.88 -35.67
N LEU B 160 3.18 -18.35 -36.20
CA LEU B 160 2.38 -17.33 -35.52
C LEU B 160 0.90 -17.58 -35.79
N GLU B 161 0.05 -16.84 -35.08
CA GLU B 161 -1.38 -17.02 -35.20
C GLU B 161 -1.97 -16.12 -36.29
N ALA B 162 -3.13 -16.50 -36.79
CA ALA B 162 -3.80 -15.73 -37.83
C ALA B 162 -4.51 -14.53 -37.24
N LYS B 163 -4.66 -13.48 -38.06
CA LYS B 163 -5.23 -12.22 -37.62
C LYS B 163 -4.52 -11.71 -36.37
N ALA B 164 -3.19 -11.90 -36.33
CA ALA B 164 -2.39 -11.49 -35.19
C ALA B 164 -2.36 -9.96 -35.08
N PHE B 165 -1.77 -9.49 -33.99
CA PHE B 165 -1.67 -8.05 -33.80
C PHE B 165 -0.79 -7.45 -34.89
N PRO B 166 -1.21 -6.36 -35.54
CA PRO B 166 -0.45 -5.86 -36.69
C PRO B 166 1.00 -5.54 -36.40
N SER B 167 1.37 -5.24 -35.15
CA SER B 167 2.77 -4.97 -34.86
C SER B 167 3.59 -6.25 -34.79
N ASP B 168 3.02 -7.34 -34.26
CA ASP B 168 3.71 -8.63 -34.32
C ASP B 168 3.85 -9.11 -35.76
N HIS B 169 2.80 -8.94 -36.55
CA HIS B 169 2.83 -9.34 -37.96
C HIS B 169 3.96 -8.64 -38.69
N TYR B 170 3.94 -7.30 -38.69
CA TYR B 170 4.97 -6.52 -39.36
C TYR B 170 6.36 -6.88 -38.86
N ALA B 171 6.52 -7.00 -37.54
CA ALA B 171 7.81 -7.36 -36.96
C ALA B 171 8.31 -8.67 -37.55
N ILE B 172 7.44 -9.66 -37.69
CA ILE B 172 7.87 -10.97 -38.18
C ILE B 172 8.18 -10.91 -39.67
N GLU B 173 7.31 -10.27 -40.47
CA GLU B 173 7.63 -10.08 -41.89
C GLU B 173 8.99 -9.44 -42.05
N SER B 174 9.22 -8.32 -41.38
CA SER B 174 10.48 -7.60 -41.56
C SER B 174 11.67 -8.41 -41.07
N GLN B 175 11.49 -9.18 -39.98
CA GLN B 175 12.53 -10.11 -39.57
C GLN B 175 12.85 -11.11 -40.67
N LEU B 176 11.81 -11.66 -41.30
CA LEU B 176 12.02 -12.62 -42.38
C LEU B 176 12.71 -11.95 -43.57
N GLN B 177 12.19 -10.80 -43.99
CA GLN B 177 12.82 -10.05 -45.07
C GLN B 177 14.26 -9.70 -44.76
N LEU B 178 14.58 -9.54 -43.47
CA LEU B 178 15.96 -9.20 -43.08
C LEU B 178 16.95 -10.21 -43.61
N HIS B 179 16.62 -11.50 -43.52
CA HIS B 179 17.47 -12.57 -43.99
C HIS B 179 17.16 -12.96 -45.43
N GLY B 180 16.25 -12.24 -46.09
CA GLY B 180 15.88 -12.50 -47.46
C GLY B 180 14.82 -13.58 -47.64
N LEU B 181 14.35 -14.19 -46.56
CA LEU B 181 13.49 -15.36 -46.68
C LEU B 181 12.18 -15.01 -47.37
N ASN B 182 11.75 -15.89 -48.28
CA ASN B 182 10.43 -15.82 -48.89
C ASN B 182 9.35 -15.65 -47.82
N ILE B 183 8.58 -14.56 -47.93
CA ILE B 183 7.51 -14.32 -46.95
C ILE B 183 6.50 -15.45 -46.99
N GLU B 184 5.96 -15.73 -48.18
CA GLU B 184 4.88 -16.70 -48.32
C GLU B 184 5.25 -18.06 -47.74
N GLU B 185 6.50 -18.49 -47.93
CA GLU B 185 6.90 -19.83 -47.50
C GLU B 185 7.47 -19.87 -46.10
N SER B 186 8.11 -18.79 -45.65
CA SER B 186 8.74 -18.79 -44.33
C SER B 186 7.77 -18.44 -43.20
N MET B 187 6.70 -17.69 -43.50
CA MET B 187 5.81 -17.19 -42.47
C MET B 187 4.59 -18.12 -42.38
N ARG B 188 4.78 -19.23 -41.69
CA ARG B 188 3.74 -20.25 -41.57
C ARG B 188 2.74 -19.83 -40.50
N ILE B 189 1.51 -19.56 -40.93
CA ILE B 189 0.47 -18.99 -40.08
C ILE B 189 -0.64 -20.03 -39.88
N ILE B 190 -1.14 -20.11 -38.65
CA ILE B 190 -2.19 -21.05 -38.28
C ILE B 190 -3.53 -20.33 -38.32
N LYS B 191 -4.40 -20.72 -39.26
CA LYS B 191 -5.74 -20.16 -39.30
C LYS B 191 -6.74 -21.12 -38.67
N PRO B 192 -7.80 -20.60 -38.05
CA PRO B 192 -8.79 -21.48 -37.43
C PRO B 192 -9.63 -22.19 -38.48
N ARG B 193 -10.34 -23.22 -38.02
CA ARG B 193 -11.16 -24.01 -38.92
C ARG B 193 -12.27 -23.19 -39.53
N GLU B 194 -12.65 -23.56 -40.75
CA GLU B 194 -13.71 -22.89 -41.49
C GLU B 194 -14.95 -22.75 -40.64
N GLY B 195 -15.40 -21.52 -40.44
CA GLY B 195 -16.52 -21.22 -39.61
C GLY B 195 -16.19 -20.95 -38.15
N GLU B 196 -15.02 -21.37 -37.68
CA GLU B 196 -14.61 -21.10 -36.32
C GLU B 196 -13.88 -19.76 -36.22
N GLU B 197 -13.77 -19.26 -34.99
CA GLU B 197 -13.08 -18.01 -34.70
C GLU B 197 -11.77 -18.20 -33.96
N THR B 198 -11.67 -19.21 -33.11
CA THR B 198 -10.50 -19.45 -32.29
C THR B 198 -9.76 -20.69 -32.78
N LEU B 199 -8.53 -20.85 -32.30
CA LEU B 199 -7.68 -21.97 -32.68
C LEU B 199 -7.88 -23.11 -31.69
N ARG B 200 -7.86 -24.34 -32.19
CA ARG B 200 -7.95 -25.51 -31.33
C ARG B 200 -6.56 -25.98 -30.95
N ILE B 201 -6.40 -26.37 -29.68
CA ILE B 201 -5.09 -26.79 -29.19
C ILE B 201 -4.61 -28.05 -29.89
N GLU B 202 -5.54 -28.96 -30.23
CA GLU B 202 -5.13 -30.15 -30.97
C GLU B 202 -4.77 -29.83 -32.41
N ASP B 203 -5.28 -28.72 -32.96
CA ASP B 203 -4.82 -28.28 -34.27
C ASP B 203 -3.42 -27.70 -34.21
N ILE B 204 -3.17 -26.83 -33.23
CA ILE B 204 -1.84 -26.21 -33.10
C ILE B 204 -0.78 -27.27 -32.85
N LEU B 205 -1.03 -28.16 -31.89
CA LEU B 205 -0.04 -29.18 -31.56
C LEU B 205 0.24 -30.07 -32.75
N GLU B 206 -0.78 -30.37 -33.55
CA GLU B 206 -0.57 -31.17 -34.75
C GLU B 206 0.35 -30.44 -35.72
N VAL B 207 0.08 -29.15 -35.97
CA VAL B 207 0.90 -28.35 -36.88
C VAL B 207 2.35 -28.31 -36.42
N ILE B 208 2.56 -28.16 -35.11
CA ILE B 208 3.92 -28.16 -34.59
C ILE B 208 4.56 -29.54 -34.78
N GLU B 209 3.80 -30.59 -34.47
CA GLU B 209 4.27 -31.96 -34.67
C GLU B 209 4.72 -32.19 -36.12
N LYS B 210 3.90 -31.78 -37.08
CA LYS B 210 4.17 -32.11 -38.48
C LYS B 210 5.31 -31.28 -39.06
N GLU B 211 5.30 -29.96 -38.83
CA GLU B 211 6.20 -29.04 -39.50
C GLU B 211 7.31 -28.50 -38.61
N GLY B 212 7.40 -28.95 -37.36
CA GLY B 212 8.26 -28.28 -36.40
C GLY B 212 9.74 -28.36 -36.73
N ASP B 213 10.15 -29.39 -37.48
CA ASP B 213 11.56 -29.56 -37.80
C ASP B 213 12.07 -28.49 -38.75
N SER B 214 11.19 -27.67 -39.33
CA SER B 214 11.59 -26.56 -40.18
C SER B 214 11.15 -25.22 -39.59
N ILE B 215 10.83 -25.18 -38.30
CA ILE B 215 10.46 -23.95 -37.60
C ILE B 215 11.59 -23.59 -36.65
N ALA B 216 12.03 -22.33 -36.71
CA ALA B 216 13.10 -21.88 -35.84
C ALA B 216 12.57 -21.18 -34.59
N VAL B 217 11.48 -20.42 -34.72
CA VAL B 217 10.90 -19.64 -33.62
C VAL B 217 9.38 -19.72 -33.69
N ILE B 218 8.76 -20.10 -32.59
CA ILE B 218 7.30 -20.00 -32.43
C ILE B 218 7.03 -18.74 -31.62
N LEU B 219 6.23 -17.83 -32.19
CA LEU B 219 6.00 -16.50 -31.59
C LEU B 219 4.50 -16.24 -31.57
N PHE B 220 3.80 -16.86 -30.63
CA PHE B 220 2.39 -16.55 -30.41
C PHE B 220 2.23 -15.37 -29.47
N SER B 221 1.03 -14.82 -29.46
CA SER B 221 0.62 -13.93 -28.39
C SER B 221 0.11 -14.74 -27.22
N GLY B 222 0.26 -14.20 -26.02
CA GLY B 222 -0.24 -14.88 -24.83
C GLY B 222 -1.75 -14.94 -24.81
N ILE B 223 -2.40 -13.79 -25.00
CA ILE B 223 -3.83 -13.72 -25.20
C ILE B 223 -4.06 -13.01 -26.53
N HIS B 224 -4.80 -13.66 -27.42
CA HIS B 224 -5.07 -13.09 -28.73
C HIS B 224 -5.97 -11.87 -28.58
N TYR B 225 -5.50 -10.71 -29.05
CA TYR B 225 -6.23 -9.46 -28.80
C TYR B 225 -7.62 -9.51 -29.41
N TYR B 226 -7.77 -10.19 -30.54
CA TYR B 226 -8.99 -10.14 -31.32
C TYR B 226 -10.05 -11.14 -30.86
N THR B 227 -9.67 -12.13 -30.04
CA THR B 227 -10.62 -13.10 -29.54
C THR B 227 -10.62 -13.25 -28.03
N GLY B 228 -9.67 -12.66 -27.31
CA GLY B 228 -9.55 -12.90 -25.88
C GLY B 228 -9.07 -14.29 -25.52
N GLN B 229 -8.71 -15.10 -26.52
CA GLN B 229 -8.29 -16.47 -26.29
C GLN B 229 -6.91 -16.53 -25.65
N HIS B 230 -6.80 -17.25 -24.54
CA HIS B 230 -5.55 -17.40 -23.81
C HIS B 230 -4.97 -18.77 -24.17
N PHE B 231 -4.01 -18.78 -25.09
CA PHE B 231 -3.41 -20.03 -25.55
C PHE B 231 -2.73 -20.76 -24.39
N ASN B 232 -2.62 -22.08 -24.54
CA ASN B 232 -1.93 -22.90 -23.54
C ASN B 232 -0.44 -22.66 -23.70
N ILE B 233 0.10 -21.75 -22.87
CA ILE B 233 1.51 -21.38 -22.99
C ILE B 233 2.45 -22.55 -22.74
N PRO B 234 2.33 -23.31 -21.65
CA PRO B 234 3.30 -24.40 -21.42
C PRO B 234 3.21 -25.53 -22.44
N ALA B 235 2.03 -25.79 -23.00
CA ALA B 235 1.90 -26.86 -23.99
C ALA B 235 2.64 -26.49 -25.28
N ILE B 236 2.30 -25.34 -25.86
CA ILE B 236 2.98 -24.88 -27.07
C ILE B 236 4.48 -24.80 -26.84
N THR B 237 4.90 -24.43 -25.62
CA THR B 237 6.32 -24.36 -25.31
C THR B 237 6.96 -25.74 -25.36
N LYS B 238 6.43 -26.69 -24.57
CA LYS B 238 7.01 -28.02 -24.53
C LYS B 238 6.93 -28.71 -25.90
N ALA B 239 5.84 -28.48 -26.62
CA ALA B 239 5.67 -29.13 -27.92
C ALA B 239 6.72 -28.64 -28.92
N GLY B 240 6.83 -27.33 -29.10
CA GLY B 240 7.81 -26.79 -30.02
C GLY B 240 9.24 -27.08 -29.62
N GLN B 241 9.52 -27.07 -28.31
CA GLN B 241 10.85 -27.39 -27.84
C GLN B 241 11.24 -28.82 -28.19
N ALA B 242 10.29 -29.75 -28.10
CA ALA B 242 10.61 -31.14 -28.40
C ALA B 242 10.95 -31.33 -29.88
N LYS B 243 10.43 -30.46 -30.75
CA LYS B 243 10.81 -30.45 -32.16
C LYS B 243 12.06 -29.60 -32.41
N GLY B 244 12.72 -29.13 -31.36
CA GLY B 244 13.94 -28.35 -31.47
C GLY B 244 13.75 -26.86 -31.65
N CYS B 245 12.51 -26.37 -31.61
CA CYS B 245 12.22 -24.97 -31.93
C CYS B 245 12.55 -24.06 -30.75
N TYR B 246 12.52 -22.76 -31.02
CA TYR B 246 12.44 -21.75 -29.98
C TYR B 246 10.99 -21.30 -29.86
N VAL B 247 10.53 -21.10 -28.63
CA VAL B 247 9.15 -20.74 -28.36
C VAL B 247 9.14 -19.52 -27.45
N GLY B 248 8.56 -18.43 -27.91
CA GLY B 248 8.36 -17.26 -27.07
C GLY B 248 7.04 -16.58 -27.41
N PHE B 249 6.48 -15.90 -26.43
CA PHE B 249 5.20 -15.22 -26.62
C PHE B 249 5.30 -13.72 -26.37
N ASP B 250 4.55 -12.97 -27.17
CA ASP B 250 4.19 -11.60 -26.88
C ASP B 250 3.09 -11.60 -25.82
N LEU B 251 3.42 -11.13 -24.62
CA LEU B 251 2.54 -11.26 -23.46
C LEU B 251 1.85 -9.94 -23.11
N ALA B 252 1.57 -9.10 -24.10
CA ALA B 252 1.01 -7.78 -23.83
C ALA B 252 -0.33 -7.89 -23.10
N HIS B 253 -1.20 -8.79 -23.53
CA HIS B 253 -2.47 -8.99 -22.85
C HIS B 253 -2.42 -10.02 -21.74
N ALA B 254 -1.39 -10.88 -21.72
CA ALA B 254 -1.31 -11.88 -20.66
C ALA B 254 -0.86 -11.25 -19.34
N VAL B 255 0.13 -10.36 -19.41
CA VAL B 255 0.76 -9.86 -18.19
C VAL B 255 -0.16 -8.88 -17.48
N GLY B 256 -0.34 -9.07 -16.17
CA GLY B 256 -1.31 -8.32 -15.41
C GLY B 256 -2.73 -8.83 -15.50
N ASN B 257 -2.97 -9.90 -16.27
CA ASN B 257 -4.30 -10.40 -16.55
C ASN B 257 -4.47 -11.83 -16.06
N VAL B 258 -3.62 -12.74 -16.53
CA VAL B 258 -3.64 -14.14 -16.13
C VAL B 258 -2.37 -14.45 -15.36
N GLU B 259 -2.40 -15.54 -14.60
CA GLU B 259 -1.21 -15.98 -13.91
C GLU B 259 -0.19 -16.54 -14.89
N LEU B 260 1.06 -16.14 -14.72
CA LEU B 260 2.15 -16.56 -15.60
C LEU B 260 3.25 -17.21 -14.78
N TYR B 261 3.91 -18.20 -15.39
CA TYR B 261 5.05 -18.89 -14.81
C TYR B 261 6.03 -19.15 -15.94
N LEU B 262 6.65 -18.07 -16.43
CA LEU B 262 7.52 -18.18 -17.60
C LEU B 262 8.73 -19.07 -17.31
N HIS B 263 9.27 -18.99 -16.10
CA HIS B 263 10.44 -19.80 -15.77
C HIS B 263 10.09 -21.28 -15.68
N ASP B 264 9.13 -21.62 -14.83
CA ASP B 264 8.80 -23.03 -14.61
C ASP B 264 8.28 -23.69 -15.87
N TRP B 265 7.61 -22.94 -16.75
CA TRP B 265 7.03 -23.53 -17.95
C TRP B 265 8.07 -23.86 -19.00
N GLY B 266 9.23 -23.22 -18.97
CA GLY B 266 10.25 -23.43 -19.98
C GLY B 266 10.16 -22.50 -21.16
N VAL B 267 9.46 -21.38 -21.04
CA VAL B 267 9.34 -20.41 -22.13
C VAL B 267 10.70 -19.83 -22.44
N ASP B 268 11.06 -19.79 -23.73
CA ASP B 268 12.40 -19.38 -24.10
C ASP B 268 12.58 -17.87 -23.94
N PHE B 269 11.67 -17.08 -24.52
CA PHE B 269 11.74 -15.63 -24.38
C PHE B 269 10.33 -15.07 -24.37
N ALA B 270 10.22 -13.80 -24.01
CA ALA B 270 8.92 -13.14 -23.94
C ALA B 270 9.13 -11.63 -23.82
N CYS B 271 8.08 -10.89 -24.20
CA CYS B 271 8.09 -9.45 -24.10
C CYS B 271 6.66 -8.98 -23.89
N TRP B 272 6.52 -7.75 -23.39
CA TRP B 272 5.23 -7.20 -23.05
C TRP B 272 5.36 -5.68 -22.93
N CYS B 273 4.24 -5.02 -22.71
CA CYS B 273 4.15 -3.58 -22.55
C CYS B 273 3.51 -3.24 -21.22
N GLY B 274 3.71 -2.00 -20.77
CA GLY B 274 3.27 -1.61 -19.44
C GLY B 274 1.93 -0.90 -19.37
N TYR B 275 1.46 -0.33 -20.48
CA TYR B 275 0.30 0.56 -20.43
C TYR B 275 -1.06 -0.12 -20.51
N TYR B 277 -2.71 -3.80 -18.81
CA TYR B 277 -3.18 -4.25 -17.50
C TYR B 277 -2.25 -3.74 -16.40
N LEU B 278 -1.00 -3.44 -16.76
CA LEU B 278 -0.01 -2.93 -15.81
C LEU B 278 -0.18 -1.44 -15.54
N ASN B 279 -1.17 -0.80 -16.15
CA ASN B 279 -1.74 0.47 -15.70
C ASN B 279 -0.73 1.62 -15.62
N SER B 280 0.40 1.55 -16.31
CA SER B 280 1.36 2.64 -16.26
C SER B 280 1.04 3.64 -17.38
N SER B 281 1.99 4.53 -17.69
CA SER B 281 1.75 5.63 -18.62
C SER B 281 1.48 5.11 -20.03
N PRO B 282 0.74 5.86 -20.85
CA PRO B 282 0.61 5.52 -22.27
C PRO B 282 1.97 5.54 -22.96
N GLY B 283 2.26 4.46 -23.69
CA GLY B 283 3.62 4.26 -24.18
C GLY B 283 4.61 4.00 -23.07
N GLY B 284 4.14 3.45 -21.95
CA GLY B 284 5.00 3.26 -20.79
C GLY B 284 6.07 2.21 -21.03
N ILE B 285 6.98 2.13 -20.05
CA ILE B 285 8.16 1.27 -20.20
C ILE B 285 7.72 -0.19 -20.37
N ALA B 286 8.41 -0.89 -21.26
CA ALA B 286 8.08 -2.26 -21.59
C ALA B 286 9.01 -3.23 -20.86
N GLY B 287 8.76 -4.53 -21.06
CA GLY B 287 9.50 -5.56 -20.37
C GLY B 287 9.89 -6.67 -21.32
N ALA B 288 10.92 -7.42 -20.90
CA ALA B 288 11.45 -8.50 -21.70
C ALA B 288 11.83 -9.67 -20.78
N PHE B 289 11.80 -10.88 -21.33
CA PHE B 289 12.13 -12.09 -20.59
C PHE B 289 13.02 -12.99 -21.44
N ILE B 290 14.11 -13.47 -20.83
CA ILE B 290 14.92 -14.54 -21.39
C ILE B 290 15.19 -15.54 -20.27
N HIS B 291 14.90 -16.81 -20.53
CA HIS B 291 15.10 -17.84 -19.51
C HIS B 291 16.58 -17.94 -19.18
N GLU B 292 16.87 -18.28 -17.91
CA GLU B 292 18.26 -18.32 -17.46
C GLU B 292 19.07 -19.41 -18.14
N LYS B 293 18.42 -20.38 -18.78
CA LYS B 293 19.12 -21.40 -19.55
C LYS B 293 19.76 -20.86 -20.83
N HIS B 294 19.38 -19.65 -21.25
CA HIS B 294 19.97 -18.99 -22.40
C HIS B 294 20.93 -17.87 -21.98
N ALA B 295 21.22 -17.75 -20.69
CA ALA B 295 21.98 -16.61 -20.18
C ALA B 295 23.36 -16.53 -20.81
N HIS B 296 23.98 -17.66 -21.09
CA HIS B 296 25.34 -17.69 -21.62
C HIS B 296 25.42 -18.20 -23.05
N THR B 297 24.37 -18.82 -23.58
CA THR B 297 24.39 -19.34 -24.94
C THR B 297 23.76 -18.39 -25.95
N ILE B 298 22.73 -17.65 -25.58
CA ILE B 298 22.06 -16.69 -26.46
C ILE B 298 22.48 -15.29 -26.03
N LYS B 299 23.10 -14.54 -26.93
CA LYS B 299 23.67 -13.24 -26.64
C LYS B 299 22.96 -12.17 -27.46
N PRO B 300 23.02 -10.91 -27.03
CA PRO B 300 22.34 -9.84 -27.78
C PRO B 300 22.97 -9.63 -29.15
N ALA B 301 22.11 -9.42 -30.15
CA ALA B 301 22.59 -9.02 -31.46
C ALA B 301 23.01 -7.55 -31.43
N LEU B 302 22.16 -6.69 -30.89
CA LEU B 302 22.44 -5.26 -30.79
C LEU B 302 22.80 -4.95 -29.34
N VAL B 303 24.00 -4.39 -29.15
CA VAL B 303 24.52 -4.10 -27.82
C VAL B 303 24.58 -2.60 -27.62
N GLY B 304 24.40 -2.18 -26.37
CA GLY B 304 24.66 -0.81 -25.97
C GLY B 304 25.44 -0.79 -24.67
N TRP B 305 25.66 0.41 -24.15
CA TRP B 305 26.58 0.55 -23.04
C TRP B 305 25.97 0.16 -21.69
N PHE B 306 24.64 0.18 -21.55
CA PHE B 306 24.04 -0.44 -20.38
C PHE B 306 23.91 -1.95 -20.50
N GLY B 307 24.48 -2.55 -21.54
CA GLY B 307 24.78 -3.98 -21.47
C GLY B 307 26.03 -4.28 -20.69
N HIS B 308 26.91 -3.29 -20.54
CA HIS B 308 28.14 -3.45 -19.79
C HIS B 308 27.85 -3.64 -18.31
N GLU B 309 28.64 -4.47 -17.65
CA GLU B 309 28.53 -4.62 -16.21
C GLU B 309 28.62 -3.25 -15.53
N LEU B 310 27.83 -3.08 -14.47
CA LEU B 310 27.79 -1.77 -13.80
C LEU B 310 29.13 -1.42 -13.17
N SER B 311 29.83 -2.41 -12.62
CA SER B 311 31.03 -2.13 -11.83
C SER B 311 32.10 -1.43 -12.66
N THR B 312 32.12 -1.64 -13.98
CA THR B 312 33.15 -1.08 -14.84
C THR B 312 32.60 -0.28 -16.01
N ARG B 313 31.30 0.06 -15.99
CA ARG B 313 30.69 0.72 -17.15
C ARG B 313 31.21 2.14 -17.33
N PHE B 314 31.41 2.86 -16.24
CA PHE B 314 31.72 4.28 -16.31
C PHE B 314 33.21 4.56 -16.31
N LYS B 315 34.05 3.52 -16.21
CA LYS B 315 35.42 3.65 -16.66
C LYS B 315 35.48 4.06 -18.12
N MET B 316 34.50 3.61 -18.92
CA MET B 316 34.40 3.93 -20.33
C MET B 316 35.67 3.56 -21.09
N ASP B 317 36.26 2.42 -20.72
CA ASP B 317 37.49 1.96 -21.34
C ASP B 317 37.25 1.31 -22.70
N ASN B 318 35.99 1.12 -23.09
CA ASN B 318 35.56 0.60 -24.38
C ASN B 318 35.84 -0.89 -24.55
N LYS B 319 36.38 -1.56 -23.53
CA LYS B 319 36.58 -3.01 -23.52
C LYS B 319 35.39 -3.63 -22.81
N LEU B 320 34.50 -4.27 -23.59
CA LEU B 320 33.20 -4.69 -23.09
C LEU B 320 33.30 -5.82 -22.07
N GLN B 321 32.39 -5.79 -21.10
CA GLN B 321 32.15 -6.87 -20.14
C GLN B 321 30.63 -6.99 -20.02
N LEU B 322 30.05 -7.89 -20.82
CA LEU B 322 28.61 -7.95 -21.01
C LEU B 322 27.91 -8.63 -19.83
N ILE B 323 26.74 -8.12 -19.47
CA ILE B 323 25.94 -8.71 -18.40
C ILE B 323 25.28 -9.99 -18.93
N PRO B 324 25.37 -11.10 -18.21
CA PRO B 324 24.79 -12.35 -18.72
C PRO B 324 23.28 -12.28 -18.79
N GLY B 325 22.73 -12.92 -19.81
CA GLY B 325 21.28 -13.03 -19.90
C GLY B 325 20.64 -11.81 -20.52
N VAL B 326 19.41 -11.53 -20.06
CA VAL B 326 18.54 -10.58 -20.76
C VAL B 326 19.00 -9.13 -20.56
N CYS B 327 19.64 -8.82 -19.43
CA CYS B 327 20.12 -7.46 -19.24
C CYS B 327 21.18 -7.06 -20.27
N GLY B 328 21.70 -8.02 -21.04
CA GLY B 328 22.62 -7.69 -22.10
C GLY B 328 21.99 -6.93 -23.26
N PHE B 329 20.67 -7.01 -23.40
CA PHE B 329 19.97 -6.32 -24.47
C PHE B 329 19.58 -4.90 -24.07
N ARG B 330 19.95 -4.47 -22.87
CA ARG B 330 19.69 -3.10 -22.44
C ARG B 330 20.74 -2.21 -23.10
N CYS B 331 20.37 -1.59 -24.21
CA CYS B 331 21.34 -0.79 -24.93
C CYS B 331 21.70 0.51 -24.23
N SER B 332 20.99 0.91 -23.17
CA SER B 332 20.97 2.34 -22.92
C SER B 332 20.24 2.72 -21.65
N THR B 333 20.31 4.01 -21.33
CA THR B 333 19.90 4.52 -20.02
C THR B 333 18.38 4.49 -19.91
N PRO B 334 17.82 3.93 -18.84
CA PRO B 334 16.38 3.73 -18.76
C PRO B 334 15.65 5.04 -18.49
N PRO B 335 14.43 5.20 -18.98
CA PRO B 335 13.64 6.37 -18.64
C PRO B 335 13.17 6.32 -17.20
N ILE B 336 13.80 7.12 -16.33
CA ILE B 336 13.55 7.00 -14.89
C ILE B 336 12.10 7.29 -14.56
N LEU B 337 11.52 8.33 -15.18
CA LEU B 337 10.17 8.72 -14.83
C LEU B 337 9.14 7.69 -15.28
N LEU B 338 9.37 7.00 -16.40
CA LEU B 338 8.51 5.89 -16.76
C LEU B 338 8.66 4.72 -15.81
N VAL B 339 9.79 4.62 -15.10
CA VAL B 339 9.98 3.56 -14.12
C VAL B 339 9.15 3.85 -12.87
N CYS B 340 9.03 5.11 -12.48
CA CYS B 340 8.14 5.51 -11.37
C CYS B 340 6.75 4.95 -11.58
N ILE B 341 6.13 5.33 -12.69
CA ILE B 341 4.73 5.05 -12.94
C ILE B 341 4.48 3.56 -12.91
N LEU B 342 5.42 2.76 -13.44
CA LEU B 342 5.30 1.31 -13.35
C LEU B 342 5.49 0.85 -11.92
N HIS B 343 6.49 1.39 -11.22
CA HIS B 343 6.67 1.09 -9.80
C HIS B 343 5.40 1.38 -9.02
N ALA B 344 4.70 2.45 -9.37
CA ALA B 344 3.44 2.76 -8.71
C ALA B 344 2.45 1.61 -8.88
N SER B 345 2.24 1.16 -10.11
CA SER B 345 1.23 0.14 -10.36
C SER B 345 1.67 -1.22 -9.85
N LEU B 346 2.97 -1.51 -9.87
CA LEU B 346 3.44 -2.82 -9.43
C LEU B 346 3.34 -2.97 -7.92
N GLU B 347 3.49 -1.87 -7.17
CA GLU B 347 3.18 -1.89 -5.74
C GLU B 347 1.73 -2.29 -5.51
N ILE B 348 0.81 -1.76 -6.30
CA ILE B 348 -0.60 -2.09 -6.13
C ILE B 348 -0.86 -3.55 -6.46
N PHE B 349 -0.17 -4.09 -7.46
CA PHE B 349 -0.23 -5.53 -7.72
C PHE B 349 0.34 -6.34 -6.55
N LYS B 350 1.46 -5.91 -5.99
CA LYS B 350 2.08 -6.62 -4.88
C LYS B 350 1.19 -6.59 -3.64
N GLN B 351 0.46 -5.49 -3.43
CA GLN B 351 -0.49 -5.42 -2.32
C GLN B 351 -1.69 -6.33 -2.55
N ALA B 352 -2.30 -6.27 -3.74
CA ALA B 352 -3.41 -7.14 -4.12
C ALA B 352 -2.83 -8.26 -4.97
N THR B 353 -2.46 -9.36 -4.31
CA THR B 353 -1.72 -10.46 -4.94
C THR B 353 -2.31 -10.84 -6.30
N MET B 354 -1.41 -11.19 -7.21
CA MET B 354 -1.80 -11.60 -8.56
C MET B 354 -2.80 -12.74 -8.52
N LYS B 355 -2.78 -13.55 -7.46
CA LYS B 355 -3.73 -14.64 -7.31
C LYS B 355 -5.14 -14.12 -7.06
N ALA B 356 -5.28 -13.20 -6.09
CA ALA B 356 -6.61 -12.69 -5.75
C ALA B 356 -7.23 -11.93 -6.91
N LEU B 357 -6.41 -11.28 -7.75
CA LEU B 357 -6.93 -10.64 -8.95
C LEU B 357 -7.47 -11.68 -9.92
N ARG B 358 -6.71 -12.75 -10.15
CA ARG B 358 -7.14 -13.81 -11.06
C ARG B 358 -8.43 -14.46 -10.57
N LYS B 359 -8.49 -14.76 -9.27
CA LYS B 359 -9.70 -15.35 -8.70
C LYS B 359 -10.91 -14.44 -8.94
N LYS B 360 -10.74 -13.12 -8.79
CA LYS B 360 -11.83 -12.20 -9.04
C LYS B 360 -12.15 -12.11 -10.53
N SER B 361 -11.12 -12.09 -11.38
CA SER B 361 -11.35 -11.95 -12.82
C SER B 361 -12.23 -13.09 -13.34
N VAL B 362 -12.01 -14.31 -12.85
CA VAL B 362 -12.81 -15.44 -13.27
C VAL B 362 -14.26 -15.28 -12.84
N LEU B 363 -14.48 -14.65 -11.68
CA LEU B 363 -15.85 -14.43 -11.21
C LEU B 363 -16.47 -13.20 -11.86
N LEU B 364 -15.66 -12.17 -12.09
CA LEU B 364 -16.19 -10.96 -12.72
C LEU B 364 -16.48 -11.20 -14.20
N THR B 365 -15.52 -11.78 -14.93
CA THR B 365 -15.73 -12.08 -16.34
C THR B 365 -16.72 -13.22 -16.52
N GLY B 366 -16.83 -14.11 -15.55
CA GLY B 366 -17.85 -15.15 -15.61
C GLY B 366 -19.25 -14.60 -15.38
N TYR B 367 -19.41 -13.78 -14.34
CA TYR B 367 -20.69 -13.14 -14.08
C TYR B 367 -21.17 -12.33 -15.27
N LEU B 368 -20.24 -11.63 -15.95
CA LEU B 368 -20.59 -10.96 -17.19
C LEU B 368 -21.08 -11.97 -18.23
N GLU B 369 -20.37 -13.08 -18.38
CA GLU B 369 -20.76 -14.07 -19.38
C GLU B 369 -22.11 -14.67 -19.03
N TYR B 370 -22.32 -15.02 -17.76
CA TYR B 370 -23.58 -15.65 -17.36
C TYR B 370 -24.77 -14.77 -17.70
N LEU B 371 -24.68 -13.47 -17.40
CA LEU B 371 -25.80 -12.58 -17.68
C LEU B 371 -26.02 -12.43 -19.18
N ILE B 372 -24.94 -12.36 -19.96
CA ILE B 372 -25.09 -12.21 -21.41
C ILE B 372 -25.77 -13.45 -22.00
N LYS B 373 -25.28 -14.65 -21.65
CA LYS B 373 -25.92 -15.86 -22.13
C LYS B 373 -27.39 -15.94 -21.70
N HIS B 374 -27.68 -15.56 -20.45
CA HIS B 374 -29.02 -15.79 -19.91
C HIS B 374 -30.08 -15.03 -20.70
N ASN B 375 -29.91 -13.71 -20.87
CA ASN B 375 -30.89 -12.98 -21.67
C ASN B 375 -30.81 -13.32 -23.15
N TYR B 376 -29.61 -13.43 -23.70
CA TYR B 376 -29.49 -13.66 -25.14
C TYR B 376 -28.55 -14.82 -25.46
N PRO B 386 -29.17 -15.86 -29.39
CA PRO B 386 -28.73 -16.00 -30.77
C PRO B 386 -28.10 -14.74 -31.35
N VAL B 387 -28.47 -13.57 -30.81
CA VAL B 387 -27.96 -12.32 -31.38
C VAL B 387 -26.57 -12.01 -30.85
N VAL B 388 -26.33 -12.19 -29.56
CA VAL B 388 -25.02 -11.91 -28.98
C VAL B 388 -24.20 -13.19 -28.99
N ASN B 389 -23.01 -13.12 -29.57
CA ASN B 389 -22.12 -14.27 -29.73
C ASN B 389 -20.82 -14.00 -28.98
N ILE B 390 -20.57 -14.77 -27.93
CA ILE B 390 -19.31 -14.65 -27.20
C ILE B 390 -18.23 -15.45 -27.93
N ILE B 391 -17.44 -14.76 -28.75
CA ILE B 391 -16.37 -15.42 -29.51
C ILE B 391 -15.32 -15.99 -28.55
N THR B 392 -15.07 -15.30 -27.45
CA THR B 392 -14.04 -15.71 -26.50
C THR B 392 -14.35 -17.12 -25.98
N PRO B 393 -13.33 -17.96 -25.78
CA PRO B 393 -13.58 -19.33 -25.31
C PRO B 393 -14.36 -19.37 -24.01
N SER B 394 -15.26 -20.35 -23.90
CA SER B 394 -16.13 -20.45 -22.74
C SER B 394 -15.40 -20.97 -21.51
N HIS B 395 -14.43 -21.87 -21.71
CA HIS B 395 -13.73 -22.47 -20.58
C HIS B 395 -12.96 -21.40 -19.79
N VAL B 396 -13.02 -21.52 -18.46
CA VAL B 396 -12.53 -20.44 -17.60
C VAL B 396 -11.03 -20.22 -17.70
N GLU B 397 -10.27 -21.23 -18.10
CA GLU B 397 -8.81 -21.12 -18.15
C GLU B 397 -8.29 -20.88 -19.56
N GLU B 398 -9.15 -20.39 -20.46
CA GLU B 398 -8.76 -20.10 -21.84
C GLU B 398 -9.08 -18.65 -22.20
N ARG B 399 -9.00 -17.74 -21.23
CA ARG B 399 -9.39 -16.35 -21.45
C ARG B 399 -8.92 -15.52 -20.26
N GLY B 400 -8.72 -14.23 -20.51
CA GLY B 400 -8.37 -13.27 -19.47
C GLY B 400 -9.59 -12.53 -18.95
N CYS B 401 -9.41 -11.23 -18.71
CA CYS B 401 -10.55 -10.38 -18.41
C CYS B 401 -11.43 -10.13 -19.63
N GLN B 402 -10.94 -10.47 -20.81
CA GLN B 402 -11.56 -10.04 -22.06
C GLN B 402 -12.62 -11.01 -22.53
N LEU B 403 -13.77 -10.45 -22.94
CA LEU B 403 -14.70 -11.14 -23.79
C LEU B 403 -14.83 -10.37 -25.10
N THR B 404 -15.05 -11.11 -26.20
CA THR B 404 -15.22 -10.51 -27.51
C THR B 404 -16.61 -10.86 -28.02
N LEU B 405 -17.43 -9.84 -28.29
CA LEU B 405 -18.84 -10.01 -28.57
C LEU B 405 -19.13 -9.51 -29.99
N THR B 406 -19.87 -10.30 -30.75
CA THR B 406 -20.42 -9.86 -32.03
C THR B 406 -21.95 -9.90 -31.97
N PHE B 407 -22.57 -8.98 -32.70
CA PHE B 407 -24.00 -8.76 -32.61
C PHE B 407 -24.63 -8.96 -33.99
N ASN B 408 -25.87 -9.46 -34.00
CA ASN B 408 -26.60 -9.69 -35.24
C ASN B 408 -27.71 -8.68 -35.48
N VAL B 409 -27.77 -7.61 -34.70
CA VAL B 409 -28.83 -6.62 -34.86
C VAL B 409 -28.54 -5.76 -36.09
N PRO B 410 -29.34 -5.87 -37.15
CA PRO B 410 -29.09 -5.04 -38.34
C PRO B 410 -29.42 -3.58 -38.12
N ASN B 411 -30.44 -3.29 -37.31
CA ASN B 411 -31.02 -1.96 -37.19
C ASN B 411 -30.16 -0.98 -36.42
N LYS B 412 -29.26 -1.45 -35.55
CA LYS B 412 -28.48 -0.56 -34.72
C LYS B 412 -27.01 -0.96 -34.72
N ASP B 413 -26.14 0.04 -34.77
CA ASP B 413 -24.72 -0.15 -34.45
C ASP B 413 -24.63 -0.22 -32.92
N VAL B 414 -24.40 -1.42 -32.39
CA VAL B 414 -24.37 -1.59 -30.94
C VAL B 414 -23.28 -0.72 -30.32
N PHE B 415 -22.07 -0.79 -30.89
CA PHE B 415 -20.93 -0.08 -30.33
C PHE B 415 -21.22 1.39 -30.11
N GLN B 416 -21.64 2.10 -31.16
CA GLN B 416 -21.95 3.52 -30.99
C GLN B 416 -22.96 3.73 -29.88
N GLU B 417 -23.97 2.88 -29.81
CA GLU B 417 -25.03 3.05 -28.83
C GLU B 417 -24.52 2.87 -27.40
N LEU B 418 -23.55 1.98 -27.21
CA LEU B 418 -22.99 1.78 -25.89
C LEU B 418 -22.28 3.03 -25.37
N GLU B 419 -21.33 3.56 -26.16
CA GLU B 419 -20.49 4.63 -25.65
C GLU B 419 -21.29 5.91 -25.39
N LYS B 420 -22.31 6.17 -26.21
CA LYS B 420 -23.24 7.27 -26.01
C LYS B 420 -23.75 7.30 -24.58
N ARG B 421 -23.77 6.13 -23.92
CA ARG B 421 -24.28 5.99 -22.58
C ARG B 421 -23.19 5.71 -21.54
N GLY B 422 -21.92 5.90 -21.90
CA GLY B 422 -20.85 5.88 -20.94
C GLY B 422 -20.06 4.58 -20.83
N VAL B 423 -20.33 3.60 -21.67
CA VAL B 423 -19.59 2.34 -21.65
C VAL B 423 -18.36 2.51 -22.53
N VAL B 424 -17.19 2.57 -21.89
CA VAL B 424 -15.92 2.70 -22.60
C VAL B 424 -15.41 1.29 -22.90
N CYS B 425 -15.48 0.88 -24.16
CA CYS B 425 -14.99 -0.43 -24.52
C CYS B 425 -14.40 -0.39 -25.92
N ASP B 426 -13.51 -1.34 -26.17
CA ASP B 426 -12.80 -1.46 -27.44
C ASP B 426 -13.70 -2.03 -28.52
N LYS B 427 -13.68 -1.41 -29.69
CA LYS B 427 -14.32 -1.96 -30.88
C LYS B 427 -13.24 -2.28 -31.90
N ARG B 428 -13.14 -3.55 -32.27
CA ARG B 428 -12.15 -3.97 -33.24
C ARG B 428 -12.86 -4.68 -34.39
N ASN B 429 -12.63 -4.18 -35.61
CA ASN B 429 -13.26 -4.63 -36.85
C ASN B 429 -13.13 -6.13 -37.00
N PRO B 430 -14.03 -6.81 -37.71
CA PRO B 430 -15.19 -6.34 -38.49
C PRO B 430 -16.37 -5.79 -37.67
N ASN B 431 -17.06 -6.66 -36.94
CA ASN B 431 -18.26 -6.25 -36.22
C ASN B 431 -18.15 -6.36 -34.71
N GLY B 432 -17.07 -6.91 -34.18
CA GLY B 432 -17.01 -7.22 -32.77
C GLY B 432 -16.67 -6.02 -31.89
N ILE B 433 -17.03 -6.15 -30.61
CA ILE B 433 -16.67 -5.22 -29.56
C ILE B 433 -15.98 -6.00 -28.45
N ARG B 434 -15.14 -5.32 -27.68
CA ARG B 434 -14.33 -5.99 -26.68
C ARG B 434 -14.53 -5.36 -25.32
N VAL B 435 -14.84 -6.20 -24.33
CA VAL B 435 -15.08 -5.75 -22.97
C VAL B 435 -14.07 -6.46 -22.05
N ALA B 436 -13.42 -5.69 -21.20
CA ALA B 436 -12.39 -6.20 -20.29
C ALA B 436 -12.60 -5.65 -18.90
N PRO B 437 -13.55 -6.20 -18.15
CA PRO B 437 -13.67 -5.86 -16.72
C PRO B 437 -12.47 -6.43 -15.97
N VAL B 438 -11.68 -5.55 -15.38
CA VAL B 438 -10.46 -5.96 -14.68
C VAL B 438 -10.74 -6.05 -13.18
N PRO B 439 -10.00 -6.86 -12.43
CA PRO B 439 -10.31 -7.04 -11.01
C PRO B 439 -9.89 -5.88 -10.11
N LEU B 440 -8.92 -5.06 -10.51
CA LEU B 440 -8.46 -3.99 -9.63
C LEU B 440 -9.53 -2.90 -9.48
N TYR B 441 -10.16 -2.47 -10.57
CA TYR B 441 -11.03 -1.30 -10.45
C TYR B 441 -12.39 -1.43 -11.13
N ASN B 442 -12.78 -2.61 -11.60
CA ASN B 442 -14.15 -2.81 -12.01
C ASN B 442 -14.92 -3.61 -10.97
N SER B 443 -16.22 -3.36 -10.89
CA SER B 443 -17.09 -4.02 -9.93
C SER B 443 -18.10 -4.89 -10.65
N PHE B 444 -18.69 -5.81 -9.90
CA PHE B 444 -19.79 -6.60 -10.43
C PHE B 444 -20.99 -5.73 -10.78
N HIS B 445 -21.10 -4.56 -10.13
CA HIS B 445 -22.17 -3.63 -10.47
C HIS B 445 -21.92 -2.98 -11.83
N ASP B 446 -20.65 -2.69 -12.15
CA ASP B 446 -20.32 -2.25 -13.50
C ASP B 446 -20.78 -3.26 -14.53
N VAL B 447 -20.57 -4.55 -14.25
CA VAL B 447 -21.10 -5.61 -15.09
C VAL B 447 -22.62 -5.54 -15.14
N TYR B 448 -23.26 -5.40 -13.98
CA TYR B 448 -24.71 -5.35 -13.93
C TYR B 448 -25.25 -4.15 -14.70
N LYS B 449 -24.74 -2.95 -14.40
CA LYS B 449 -25.17 -1.78 -15.15
C LYS B 449 -24.84 -1.87 -16.63
N PHE B 450 -23.82 -2.66 -16.99
CA PHE B 450 -23.52 -2.88 -18.40
C PHE B 450 -24.62 -3.68 -19.10
N THR B 451 -24.97 -4.84 -18.54
CA THR B 451 -25.85 -5.77 -19.25
C THR B 451 -27.27 -5.23 -19.38
N ASN B 452 -27.70 -4.34 -18.47
CA ASN B 452 -28.98 -3.69 -18.66
C ASN B 452 -28.91 -2.63 -19.75
N LEU B 453 -27.78 -1.93 -19.86
CA LEU B 453 -27.59 -1.02 -20.99
C LEU B 453 -27.51 -1.78 -22.30
N LEU B 454 -26.88 -2.97 -22.29
CA LEU B 454 -26.81 -3.78 -23.50
C LEU B 454 -28.16 -4.40 -23.84
N THR B 455 -28.92 -4.80 -22.82
CA THR B 455 -30.26 -5.32 -23.05
C THR B 455 -31.20 -4.21 -23.53
N SER B 456 -31.02 -2.99 -23.03
CA SER B 456 -31.85 -1.88 -23.47
C SER B 456 -31.61 -1.54 -24.93
N ILE B 457 -30.37 -1.68 -25.40
CA ILE B 457 -30.05 -1.36 -26.79
C ILE B 457 -30.56 -2.44 -27.73
N LEU B 458 -30.27 -3.72 -27.40
CA LEU B 458 -30.70 -4.83 -28.25
C LEU B 458 -32.21 -4.86 -28.43
N ASP B 459 -32.96 -4.40 -27.43
CA ASP B 459 -34.42 -4.36 -27.50
C ASP B 459 -34.94 -3.06 -28.11
N SER B 460 -34.15 -2.42 -28.97
CA SER B 460 -34.54 -1.20 -29.66
C SER B 460 -35.02 -0.12 -28.69
#